data_6KCK
#
_entry.id   6KCK
#
_cell.length_a   101.494
_cell.length_b   137.219
_cell.length_c   139.294
_cell.angle_alpha   90.000
_cell.angle_beta   90.000
_cell.angle_gamma   90.000
#
_symmetry.space_group_name_H-M   'P 21 21 21'
#
loop_
_entity.id
_entity.type
_entity.pdbx_description
1 polymer '7,8-dihydro-6-hydroxymethylpterin pyrophosphokinase-dihydropteroate synthase'
2 non-polymer PTERINE
3 non-polymer 'P-HYDROXYBENZOIC ACID'
4 non-polymer 'DIPHOSPHOMETHYLPHOSPHONIC ACID ADENOSYL ESTER'
5 non-polymer 'MAGNESIUM ION'
6 non-polymer 'CALCIUM ION'
7 non-polymer 'ACETATE ION'
8 non-polymer GLYCEROL
9 water water
#
_entity_poly.entity_id   1
_entity_poly.type   'polypeptide(L)'
_entity_poly.pdbx_seq_one_letter_code
;METIQELILSEENKTNIAVLNLGTNDRRNAVLILETALHLVEKYLGKIINTSYLYETVPEYIVLDKKESCEKINKDCRIY
DVNYINELMQNLEESKYEENKELIDKCEEYETFLKNGKVDNSILKEVNVENYLLECNNIIVKNDEIMKNNLSKYKDKYYT
SYFYNLTVVVKTFVNDPLSMLVVIKYIEELMKRENVKEKEKFENRIIDIDILFFNDFTIFMKNIKLEKNMIYKILSKYIH
LERDIKNGNDNMSKVNMDKDINLNNNNNIKKKNNNDIDCDCVDQKMNNHVNNKNYINSFRDPQEIINNMVDNIEFLSIPH
VYTTHRYSILLCLNDMIPEYKHNVLNNTIRCLYNKYVSRMKEQYNINIKENNKRIYVLKDRISYLKEKTNIVGILNVNYD
SFSDGGIFVEPKRAVQRMFEMINEGASVIDIGGESSAPFVIPNPKISERDLVVPVLQLFQKEWNDIKNKIVKCDAKPIIS
IDTINYNVFKECVDNDLVDILNDISACTNNPEIIKLLKKKNKFYSVVLMHKRGNPHTMDKLTNYDNLVYDIKNYLEQRLN
FLVLNGIPRYRILFDIGLGFAKKHDQSIKLLQNIHVYDEYPLFIGYSRKRFIAHCMNDQNVVINTQQKLHDEQQNENKNI
VDKSHNWMFQMNYMRKDKDQLLYQKNICGGLAIASYSYYKKVDLIRVHDVLETKSVLDVLTKIDQVKDPNSSSVDKLAAA
LEHHHHHH
;
_entity_poly.pdbx_strand_id   A,B
#
# COMPACT_ATOMS: atom_id res chain seq x y z
N GLN A 5 26.81 32.10 -51.99
CA GLN A 5 25.48 31.55 -52.38
C GLN A 5 25.50 30.01 -52.35
N GLU A 6 26.55 29.44 -52.95
CA GLU A 6 26.77 27.98 -52.94
C GLU A 6 28.04 27.62 -52.16
N LEU A 7 28.28 28.39 -51.11
CA LEU A 7 29.35 28.14 -50.15
C LEU A 7 28.74 27.34 -48.99
N ILE A 8 27.42 27.16 -49.09
CA ILE A 8 26.64 26.35 -48.18
C ILE A 8 26.77 24.86 -48.60
N LEU A 9 27.39 24.63 -49.75
CA LEU A 9 27.61 23.28 -50.29
C LEU A 9 29.07 22.85 -50.36
N SER A 10 29.97 23.61 -49.72
CA SER A 10 31.42 23.31 -49.76
C SER A 10 31.76 21.86 -49.37
N GLU A 11 32.67 21.27 -50.13
CA GLU A 11 32.99 19.82 -50.12
C GLU A 11 33.25 19.19 -48.73
N GLU A 12 33.67 20.02 -47.77
CA GLU A 12 34.14 19.53 -46.46
C GLU A 12 33.17 18.61 -45.69
N ASN A 13 33.62 17.37 -45.47
CA ASN A 13 32.93 16.39 -44.64
C ASN A 13 33.14 16.68 -43.15
N LYS A 14 32.06 17.09 -42.48
CA LYS A 14 32.11 17.38 -41.06
C LYS A 14 31.00 16.66 -40.31
N THR A 15 31.18 16.51 -39.01
CA THR A 15 30.18 15.91 -38.16
C THR A 15 29.72 16.95 -37.16
N ASN A 16 28.43 17.26 -37.20
CA ASN A 16 27.84 18.22 -36.25
C ASN A 16 26.84 17.53 -35.32
N ILE A 17 26.48 18.22 -34.24
CA ILE A 17 25.50 17.72 -33.29
C ILE A 17 24.25 18.58 -33.35
N ALA A 18 23.11 17.95 -33.64
CA ALA A 18 21.81 18.64 -33.64
C ALA A 18 20.86 18.05 -32.62
N VAL A 19 20.05 18.90 -32.03
CA VAL A 19 19.05 18.45 -31.11
C VAL A 19 17.72 18.83 -31.72
N LEU A 20 16.84 17.84 -31.91
CA LEU A 20 15.54 18.06 -32.53
C LEU A 20 14.39 17.85 -31.56
N ASN A 21 13.24 18.45 -31.87
CA ASN A 21 11.98 18.15 -31.21
C ASN A 21 11.01 17.64 -32.26
N LEU A 22 10.37 16.51 -31.96
CA LEU A 22 9.37 15.90 -32.81
C LEU A 22 8.04 15.93 -32.05
N GLY A 23 7.03 16.57 -32.65
CA GLY A 23 5.71 16.69 -32.06
C GLY A 23 4.62 16.21 -33.01
N THR A 24 3.56 15.64 -32.44
CA THR A 24 2.34 15.30 -33.16
C THR A 24 1.10 15.58 -32.31
N ASN A 25 -0.07 15.56 -32.95
CA ASN A 25 -1.36 15.82 -32.30
C ASN A 25 -2.20 14.58 -32.20
N ASP A 26 -1.84 13.59 -33.00
CA ASP A 26 -2.63 12.39 -33.16
C ASP A 26 -2.32 11.39 -32.07
N ARG A 27 -3.17 11.33 -31.05
CA ARG A 27 -3.04 10.35 -29.95
C ARG A 27 -3.03 8.92 -30.44
N ARG A 28 -3.96 8.60 -31.35
CA ARG A 28 -4.13 7.25 -31.87
C ARG A 28 -2.85 6.74 -32.52
N ASN A 29 -2.23 7.57 -33.35
CA ASN A 29 -1.06 7.16 -34.11
C ASN A 29 0.28 7.82 -33.72
N ALA A 30 0.32 8.47 -32.55
CA ALA A 30 1.54 9.15 -32.12
C ALA A 30 2.78 8.29 -32.31
N VAL A 31 2.77 7.08 -31.75
CA VAL A 31 3.93 6.22 -31.74
C VAL A 31 4.45 6.04 -33.16
N LEU A 32 3.55 5.61 -34.05
CA LEU A 32 3.90 5.29 -35.43
C LEU A 32 4.43 6.52 -36.17
N ILE A 33 3.84 7.68 -35.89
CA ILE A 33 4.23 8.94 -36.51
C ILE A 33 5.59 9.38 -36.00
N LEU A 34 5.76 9.39 -34.69
CA LEU A 34 7.03 9.83 -34.15
C LEU A 34 8.16 8.91 -34.58
N GLU A 35 7.90 7.62 -34.62
CA GLU A 35 8.94 6.64 -34.96
C GLU A 35 9.25 6.62 -36.44
N THR A 36 8.26 6.97 -37.29
CA THR A 36 8.47 7.16 -38.74
C THR A 36 9.47 8.31 -38.92
N ALA A 37 9.21 9.43 -38.25
CA ALA A 37 10.13 10.56 -38.23
C ALA A 37 11.50 10.16 -37.67
N LEU A 38 11.55 9.34 -36.62
CA LEU A 38 12.85 8.84 -36.13
C LEU A 38 13.57 8.10 -37.21
N HIS A 39 12.86 7.27 -37.96
CA HIS A 39 13.50 6.51 -39.05
C HIS A 39 14.04 7.43 -40.10
N LEU A 40 13.27 8.45 -40.45
CA LEU A 40 13.67 9.32 -41.54
C LEU A 40 14.79 10.22 -41.08
N VAL A 41 14.75 10.62 -39.81
CA VAL A 41 15.90 11.30 -39.21
C VAL A 41 17.17 10.47 -39.35
N GLU A 42 17.10 9.18 -39.03
CA GLU A 42 18.29 8.30 -39.03
C GLU A 42 18.73 8.04 -40.46
N LYS A 43 17.80 8.15 -41.40
CA LYS A 43 18.13 7.87 -42.78
C LYS A 43 18.71 9.12 -43.45
N TYR A 44 18.02 10.25 -43.27
CA TYR A 44 18.35 11.43 -44.04
C TYR A 44 19.25 12.44 -43.33
N LEU A 45 19.49 12.30 -42.02
CA LEU A 45 20.26 13.31 -41.28
C LEU A 45 21.53 12.87 -40.57
N GLY A 46 21.65 11.61 -40.20
CA GLY A 46 22.87 11.15 -39.51
C GLY A 46 22.55 10.08 -38.49
N LYS A 47 23.15 10.13 -37.32
CA LYS A 47 22.94 9.07 -36.34
C LYS A 47 22.30 9.54 -35.03
N ILE A 48 21.19 8.91 -34.64
CA ILE A 48 20.53 9.13 -33.34
C ILE A 48 21.38 8.56 -32.20
N ILE A 49 21.75 9.39 -31.24
CA ILE A 49 22.62 8.98 -30.12
C ILE A 49 22.00 9.37 -28.79
N ASN A 50 20.77 9.87 -28.86
CA ASN A 50 19.98 10.11 -27.65
C ASN A 50 18.53 10.37 -27.96
N THR A 51 17.66 9.99 -27.03
CA THR A 51 16.24 10.27 -27.15
C THR A 51 15.71 10.55 -25.75
N SER A 52 14.62 11.32 -25.65
CA SER A 52 13.93 11.47 -24.35
C SER A 52 12.87 10.39 -24.24
N TYR A 53 12.17 10.35 -23.12
CA TYR A 53 10.89 9.65 -23.12
C TYR A 53 9.90 10.31 -24.08
N LEU A 54 8.82 9.62 -24.33
CA LEU A 54 7.68 10.17 -25.05
C LEU A 54 6.80 10.83 -23.98
N TYR A 55 6.23 12.00 -24.28
CA TYR A 55 5.33 12.64 -23.31
C TYR A 55 4.01 13.10 -23.93
N GLU A 56 2.94 12.99 -23.15
CA GLU A 56 1.67 13.59 -23.51
C GLU A 56 1.53 14.86 -22.67
N THR A 57 1.33 16.00 -23.34
CA THR A 57 1.33 17.28 -22.65
C THR A 57 0.10 18.11 -22.96
N VAL A 58 -0.11 19.12 -22.12
CA VAL A 58 -1.14 20.14 -22.30
C VAL A 58 -0.38 21.49 -22.34
N PRO A 59 -0.66 22.34 -23.35
CA PRO A 59 0.07 23.62 -23.57
C PRO A 59 0.24 24.53 -22.34
N VAL A 82 -1.54 6.74 -41.17
CA VAL A 82 -2.56 5.70 -41.26
C VAL A 82 -1.97 4.51 -42.05
N ASN A 83 -2.37 4.38 -43.32
CA ASN A 83 -1.93 3.28 -44.19
C ASN A 83 -0.86 3.72 -45.17
N TYR A 84 -0.90 5.00 -45.55
CA TYR A 84 0.04 5.54 -46.54
C TYR A 84 1.44 5.76 -45.99
N ILE A 85 1.59 5.60 -44.68
CA ILE A 85 2.90 5.62 -44.03
C ILE A 85 3.66 4.34 -44.40
N ASN A 86 2.97 3.21 -44.30
CA ASN A 86 3.55 1.91 -44.63
C ASN A 86 3.89 1.83 -46.13
N GLU A 87 3.15 2.57 -46.94
CA GLU A 87 3.41 2.69 -48.37
C GLU A 87 4.61 3.60 -48.64
N LEU A 88 4.66 4.72 -47.93
CA LEU A 88 5.78 5.65 -48.04
C LEU A 88 7.14 5.00 -47.78
N MET A 89 7.22 4.17 -46.73
CA MET A 89 8.50 3.53 -46.37
C MET A 89 9.03 2.56 -47.42
N GLN A 90 8.13 2.12 -48.30
CA GLN A 90 8.48 1.29 -49.46
C GLN A 90 9.09 2.11 -50.61
N ASN A 91 8.73 3.40 -50.67
CA ASN A 91 9.05 4.26 -51.81
C ASN A 91 9.96 5.44 -51.45
N LEU A 92 11.04 5.17 -50.71
CA LEU A 92 11.92 6.25 -50.26
C LEU A 92 13.11 6.40 -51.15
N GLU A 93 13.52 7.64 -51.40
CA GLU A 93 14.76 7.86 -52.14
C GLU A 93 15.89 7.58 -51.18
N GLU A 94 16.92 6.92 -51.70
CA GLU A 94 18.04 6.54 -50.87
C GLU A 94 18.79 7.76 -50.43
N SER A 95 19.57 7.62 -49.36
CA SER A 95 20.35 8.70 -48.83
C SER A 95 21.69 8.60 -49.50
N LYS A 96 22.25 9.76 -49.82
CA LYS A 96 23.59 9.86 -50.36
C LYS A 96 24.60 9.47 -49.30
N TYR A 97 24.16 9.34 -48.07
CA TYR A 97 25.09 9.09 -46.96
C TYR A 97 24.90 7.72 -46.32
N GLU A 98 26.01 7.22 -45.80
CA GLU A 98 26.10 5.89 -45.22
C GLU A 98 25.30 5.71 -43.97
N GLU A 99 24.80 4.49 -43.80
CA GLU A 99 24.26 4.00 -42.55
C GLU A 99 25.24 2.99 -41.96
N ASN A 100 25.75 3.25 -40.77
CA ASN A 100 26.63 2.30 -40.10
C ASN A 100 26.01 1.83 -38.82
N LYS A 101 25.64 0.55 -38.75
CA LYS A 101 25.02 -0.03 -37.57
C LYS A 101 25.99 -0.53 -36.53
N GLU A 102 27.28 -0.56 -36.78
CA GLU A 102 28.22 -1.08 -35.79
C GLU A 102 27.97 -0.45 -34.40
N LEU A 103 28.24 -1.17 -33.33
CA LEU A 103 28.02 -0.59 -32.02
C LEU A 103 29.12 0.42 -31.68
N ILE A 104 28.73 1.57 -31.11
CA ILE A 104 29.70 2.54 -30.58
C ILE A 104 29.62 2.61 -29.05
N ASP A 105 30.71 3.02 -28.40
CA ASP A 105 30.75 3.16 -26.93
C ASP A 105 31.02 4.58 -26.43
N LYS A 106 31.31 5.48 -27.36
CA LYS A 106 31.51 6.89 -27.06
C LYS A 106 31.28 7.63 -28.36
N CYS A 107 31.00 8.91 -28.26
CA CYS A 107 30.92 9.76 -29.42
C CYS A 107 31.64 11.04 -29.05
N GLU A 108 32.75 11.35 -29.73
CA GLU A 108 33.57 12.51 -29.33
C GLU A 108 32.91 13.87 -29.61
N GLU A 109 32.29 14.01 -30.77
CA GLU A 109 31.59 15.24 -31.12
C GLU A 109 30.48 15.60 -30.10
N TYR A 110 29.86 14.57 -29.53
CA TYR A 110 28.78 14.73 -28.57
C TYR A 110 29.34 15.14 -27.27
N GLU A 111 30.44 14.51 -26.90
CA GLU A 111 31.15 14.87 -25.68
C GLU A 111 31.56 16.35 -25.75
N THR A 112 32.11 16.77 -26.88
CA THR A 112 32.45 18.14 -27.17
C THR A 112 31.22 19.05 -27.15
N PHE A 113 30.10 18.62 -27.74
CA PHE A 113 28.85 19.40 -27.68
C PHE A 113 28.39 19.60 -26.24
N LEU A 114 28.55 18.59 -25.41
CA LEU A 114 28.04 18.66 -24.05
C LEU A 114 28.83 19.62 -23.18
N LYS A 115 30.15 19.60 -23.33
CA LYS A 115 31.04 20.40 -22.48
C LYS A 115 31.40 21.78 -23.09
N ASN A 116 30.70 22.14 -24.16
CA ASN A 116 30.93 23.38 -24.93
C ASN A 116 32.31 23.58 -25.52
N GLY A 117 33.08 22.49 -25.61
CA GLY A 117 34.42 22.50 -26.19
C GLY A 117 34.44 23.13 -27.58
N LYS A 118 35.63 23.15 -28.19
CA LYS A 118 35.87 23.88 -29.43
C LYS A 118 35.30 23.19 -30.67
N VAL A 119 34.51 23.93 -31.44
CA VAL A 119 34.08 23.48 -32.78
C VAL A 119 34.28 24.55 -33.85
N ASP A 120 34.28 24.13 -35.11
CA ASP A 120 34.31 25.00 -36.28
C ASP A 120 33.31 26.17 -36.20
N ASN A 121 33.75 27.32 -36.68
CA ASN A 121 32.89 28.48 -36.87
C ASN A 121 31.69 28.10 -37.72
N SER A 122 30.53 28.64 -37.33
CA SER A 122 29.31 28.52 -38.11
C SER A 122 29.48 29.10 -39.50
N ILE A 123 29.01 28.39 -40.53
CA ILE A 123 29.02 28.98 -41.87
C ILE A 123 27.87 30.00 -42.05
N LEU A 124 26.91 29.97 -41.13
CA LEU A 124 25.84 30.94 -41.08
C LEU A 124 26.18 32.01 -40.05
N LYS A 125 25.83 33.24 -40.38
CA LYS A 125 26.12 34.39 -39.54
C LYS A 125 25.40 34.31 -38.23
N GLU A 126 26.18 34.45 -37.17
CA GLU A 126 25.67 34.43 -35.81
C GLU A 126 25.23 35.83 -35.33
N VAL A 127 24.53 35.85 -34.21
CA VAL A 127 24.19 37.09 -33.55
C VAL A 127 24.64 36.97 -32.11
N ASN A 128 24.95 38.09 -31.46
CA ASN A 128 25.27 38.04 -30.04
C ASN A 128 24.04 37.79 -29.16
N VAL A 129 24.31 37.59 -27.86
CA VAL A 129 23.28 37.23 -26.88
C VAL A 129 22.14 38.24 -26.87
N GLU A 130 22.51 39.52 -26.82
CA GLU A 130 21.57 40.63 -26.77
C GLU A 130 20.63 40.62 -27.98
N ASN A 131 21.18 40.57 -29.21
CA ASN A 131 20.33 40.52 -30.42
C ASN A 131 19.38 39.34 -30.37
N TYR A 132 19.90 38.18 -29.99
CA TYR A 132 19.11 36.95 -29.92
C TYR A 132 17.95 37.10 -28.95
N LEU A 133 18.26 37.51 -27.72
CA LEU A 133 17.25 37.65 -26.68
C LEU A 133 16.17 38.63 -27.10
N LEU A 134 16.59 39.75 -27.70
CA LEU A 134 15.68 40.74 -28.25
C LEU A 134 14.77 40.18 -29.36
N GLU A 135 15.36 39.46 -30.30
CA GLU A 135 14.63 38.94 -31.47
C GLU A 135 13.77 37.73 -31.14
N CYS A 136 14.05 37.09 -30.00
CA CYS A 136 13.19 36.03 -29.46
C CYS A 136 11.93 36.59 -28.88
N ASN A 137 12.08 37.51 -27.93
CA ASN A 137 10.95 38.15 -27.28
C ASN A 137 9.99 38.72 -28.30
N ASN A 138 10.55 39.34 -29.32
CA ASN A 138 9.75 39.96 -30.37
C ASN A 138 8.85 38.96 -31.11
N ILE A 139 9.31 37.72 -31.24
CA ILE A 139 8.49 36.65 -31.83
C ILE A 139 7.48 36.15 -30.79
N ILE A 140 7.90 36.04 -29.53
CA ILE A 140 7.01 35.53 -28.49
C ILE A 140 5.81 36.45 -28.29
N VAL A 141 6.08 37.75 -28.12
CA VAL A 141 5.01 38.77 -27.90
C VAL A 141 3.98 38.84 -29.04
N LYS A 142 4.46 38.87 -30.29
CA LYS A 142 3.57 38.81 -31.46
C LYS A 142 2.62 37.61 -31.40
N ASN A 143 3.19 36.43 -31.11
CA ASN A 143 2.40 35.20 -30.94
C ASN A 143 1.49 35.23 -29.71
N ASP A 144 1.78 36.11 -28.76
CA ASP A 144 0.89 36.33 -27.62
C ASP A 144 -0.27 37.31 -27.89
N GLU A 145 -0.52 37.60 -29.16
CA GLU A 145 -1.76 38.29 -29.57
C GLU A 145 -2.80 37.27 -30.04
N ILE A 146 -2.39 36.37 -30.93
CA ILE A 146 -3.28 35.35 -31.47
C ILE A 146 -3.48 34.21 -30.47
N SER A 161 -6.79 19.75 -27.76
CA SER A 161 -5.66 19.08 -28.37
C SER A 161 -4.68 18.53 -27.35
N TYR A 162 -4.24 17.29 -27.55
CA TYR A 162 -3.12 16.70 -26.82
C TYR A 162 -1.87 16.72 -27.69
N PHE A 163 -0.73 17.05 -27.10
CA PHE A 163 0.54 17.00 -27.85
C PHE A 163 1.40 15.81 -27.42
N TYR A 164 1.99 15.13 -28.40
CA TYR A 164 2.92 14.03 -28.15
C TYR A 164 4.31 14.39 -28.61
N ASN A 165 5.21 14.54 -27.64
CA ASN A 165 6.57 14.98 -27.92
C ASN A 165 7.66 13.96 -27.58
N LEU A 166 8.81 14.19 -28.20
CA LEU A 166 9.99 13.40 -28.08
C LEU A 166 11.13 14.28 -28.62
N THR A 167 12.26 14.33 -27.94
CA THR A 167 13.44 14.98 -28.49
C THR A 167 14.54 14.00 -28.88
N VAL A 168 15.44 14.45 -29.74
CA VAL A 168 16.45 13.61 -30.33
C VAL A 168 17.77 14.37 -30.37
N VAL A 169 18.88 13.66 -30.15
CA VAL A 169 20.19 14.20 -30.46
C VAL A 169 20.70 13.43 -31.66
N VAL A 170 21.18 14.15 -32.66
CA VAL A 170 21.62 13.52 -33.89
C VAL A 170 23.04 13.95 -34.16
N LYS A 171 23.91 12.98 -34.38
CA LYS A 171 25.24 13.25 -34.89
C LYS A 171 25.05 13.41 -36.39
N THR A 172 25.04 14.67 -36.84
CA THR A 172 24.64 14.94 -38.22
C THR A 172 25.81 15.14 -39.20
N PHE A 173 25.54 14.82 -40.46
CA PHE A 173 26.51 15.07 -41.53
C PHE A 173 26.09 16.27 -42.37
N VAL A 174 25.02 16.93 -41.96
CA VAL A 174 24.52 18.12 -42.65
C VAL A 174 25.31 19.33 -42.16
N ASN A 175 25.73 20.17 -43.10
CA ASN A 175 26.76 21.18 -42.82
C ASN A 175 26.31 22.26 -41.86
N ASP A 176 25.02 22.60 -41.89
CA ASP A 176 24.54 23.79 -41.21
C ASP A 176 23.03 23.71 -40.96
N PRO A 177 22.55 24.42 -39.92
CA PRO A 177 21.16 24.32 -39.50
C PRO A 177 20.11 24.67 -40.56
N LEU A 178 20.48 25.49 -41.56
CA LEU A 178 19.50 25.86 -42.57
C LEU A 178 19.33 24.73 -43.58
N SER A 179 20.45 24.20 -44.07
CA SER A 179 20.42 22.97 -44.84
C SER A 179 19.58 21.90 -44.10
N MET A 180 19.85 21.72 -42.81
CA MET A 180 19.10 20.77 -42.00
C MET A 180 17.62 21.06 -42.05
N LEU A 181 17.27 22.34 -41.90
CA LEU A 181 15.87 22.72 -41.88
C LEU A 181 15.18 22.41 -43.21
N VAL A 182 15.95 22.49 -44.29
CA VAL A 182 15.43 22.17 -45.62
C VAL A 182 15.08 20.68 -45.64
N VAL A 183 16.04 19.84 -45.29
CA VAL A 183 15.81 18.40 -45.26
C VAL A 183 14.71 18.03 -44.27
N ILE A 184 14.72 18.64 -43.09
CA ILE A 184 13.62 18.43 -42.15
C ILE A 184 12.30 18.74 -42.81
N LYS A 185 12.23 19.78 -43.65
CA LYS A 185 10.95 20.11 -44.29
C LYS A 185 10.54 19.09 -45.35
N TYR A 186 11.52 18.58 -46.07
CA TYR A 186 11.30 17.49 -47.01
C TYR A 186 10.61 16.31 -46.33
N ILE A 187 11.15 15.93 -45.17
CA ILE A 187 10.64 14.84 -44.37
C ILE A 187 9.20 15.11 -43.95
N GLU A 188 8.91 16.30 -43.44
CA GLU A 188 7.55 16.63 -43.02
C GLU A 188 6.57 16.47 -44.19
N GLU A 189 6.95 16.97 -45.36
CA GLU A 189 6.14 16.84 -46.58
C GLU A 189 5.97 15.39 -47.03
N LEU A 190 7.04 14.60 -46.93
CA LEU A 190 6.91 13.17 -47.20
C LEU A 190 5.81 12.55 -46.36
N MET A 191 5.71 12.96 -45.10
CA MET A 191 4.82 12.32 -44.16
C MET A 191 3.36 12.78 -44.28
N LYS A 192 3.12 13.87 -45.00
CA LYS A 192 1.76 14.36 -45.30
C LYS A 192 1.10 13.52 -46.39
N ARG A 193 1.86 13.25 -47.46
CA ARG A 193 1.34 12.66 -48.72
C ARG A 193 0.02 11.88 -48.61
N ARG A 205 -0.25 19.93 -37.28
CA ARG A 205 -0.65 18.92 -38.26
C ARG A 205 -0.21 17.50 -37.85
N ILE A 206 0.29 16.72 -38.82
CA ILE A 206 0.70 15.33 -38.57
C ILE A 206 2.06 15.19 -37.83
N ILE A 207 3.03 16.04 -38.17
CA ILE A 207 4.37 15.97 -37.58
C ILE A 207 5.01 17.35 -37.64
N ASP A 208 5.61 17.78 -36.53
CA ASP A 208 6.36 19.04 -36.44
C ASP A 208 7.77 18.72 -35.96
N ILE A 209 8.77 19.12 -36.74
CA ILE A 209 10.17 18.81 -36.39
C ILE A 209 10.94 20.12 -36.31
N ASP A 210 11.33 20.49 -35.10
CA ASP A 210 12.07 21.71 -34.85
C ASP A 210 13.55 21.45 -34.56
N ILE A 211 14.40 22.41 -34.87
CA ILE A 211 15.79 22.31 -34.47
C ILE A 211 15.94 23.09 -33.19
N LEU A 212 16.22 22.40 -32.09
CA LEU A 212 16.46 23.10 -30.83
C LEU A 212 17.87 23.64 -30.80
N PHE A 213 18.87 22.78 -31.04
CA PHE A 213 20.25 23.24 -30.99
C PHE A 213 21.02 22.72 -32.17
N PHE A 214 22.20 23.28 -32.40
CA PHE A 214 23.07 22.86 -33.46
C PHE A 214 24.45 23.36 -33.10
N ASN A 215 25.29 22.47 -32.59
CA ASN A 215 26.52 22.86 -31.94
C ASN A 215 26.25 23.94 -30.93
N ASP A 216 27.20 24.85 -30.75
CA ASP A 216 27.07 25.97 -29.83
C ASP A 216 26.50 27.24 -30.48
N PHE A 217 26.10 27.14 -31.74
CA PHE A 217 25.72 28.31 -32.54
C PHE A 217 24.60 29.15 -31.95
N THR A 218 24.64 30.45 -32.23
CA THR A 218 23.50 31.33 -31.97
C THR A 218 23.18 32.06 -33.27
N ILE A 219 21.94 31.90 -33.73
CA ILE A 219 21.57 32.34 -35.06
C ILE A 219 20.16 32.91 -35.00
N PHE A 220 20.01 34.09 -35.60
CA PHE A 220 18.68 34.62 -35.91
C PHE A 220 18.63 35.26 -37.30
N MET A 221 18.04 34.57 -38.25
CA MET A 221 17.96 35.06 -39.62
C MET A 221 16.52 35.39 -39.95
N LYS A 222 16.24 36.66 -40.22
CA LYS A 222 14.88 37.20 -40.21
C LYS A 222 14.03 36.97 -41.46
N ASN A 223 14.66 36.91 -42.63
CA ASN A 223 13.89 36.97 -43.87
C ASN A 223 14.31 35.99 -44.95
N ILE A 224 14.33 34.71 -44.62
CA ILE A 224 14.88 33.75 -45.54
C ILE A 224 13.93 33.55 -46.71
N LYS A 225 14.50 33.67 -47.91
CA LYS A 225 13.87 33.19 -49.13
C LYS A 225 14.91 32.41 -49.90
N LEU A 226 14.58 31.14 -50.14
CA LEU A 226 15.44 30.24 -50.87
C LEU A 226 14.78 29.93 -52.20
N GLU A 227 15.51 30.17 -53.29
CA GLU A 227 14.99 29.89 -54.63
C GLU A 227 14.79 28.38 -54.78
N LYS A 228 13.71 28.01 -55.48
CA LYS A 228 13.28 26.61 -55.62
C LYS A 228 14.35 25.64 -56.13
N ASN A 229 15.31 26.18 -56.87
CA ASN A 229 16.45 25.42 -57.39
C ASN A 229 17.57 25.28 -56.37
N MET A 230 17.56 26.14 -55.36
CA MET A 230 18.55 26.08 -54.29
C MET A 230 18.17 24.98 -53.30
N ILE A 231 16.86 24.85 -53.08
CA ILE A 231 16.28 23.78 -52.28
C ILE A 231 16.57 22.41 -52.89
N TYR A 232 16.28 22.27 -54.19
CA TYR A 232 16.63 21.08 -54.92
C TYR A 232 18.12 20.80 -54.78
N LYS A 233 18.92 21.85 -54.85
CA LYS A 233 20.37 21.69 -54.74
C LYS A 233 20.82 21.27 -53.34
N ILE A 234 20.09 21.71 -52.31
CA ILE A 234 20.41 21.32 -50.93
C ILE A 234 20.04 19.84 -50.69
N LEU A 235 18.82 19.49 -51.05
CA LEU A 235 18.32 18.12 -50.91
C LEU A 235 19.16 17.11 -51.68
N SER A 236 19.65 17.49 -52.87
CA SER A 236 20.47 16.57 -53.68
C SER A 236 21.84 16.32 -53.10
N LYS A 237 22.34 17.25 -52.28
CA LYS A 237 23.60 16.98 -51.61
C LYS A 237 23.45 15.74 -50.70
N TYR A 238 22.27 15.56 -50.11
CA TYR A 238 22.07 14.53 -49.09
C TYR A 238 21.23 13.32 -49.53
N ILE A 239 20.39 13.53 -50.54
CA ILE A 239 19.45 12.54 -51.00
C ILE A 239 19.64 12.26 -52.49
N HIS A 240 19.45 11.00 -52.89
CA HIS A 240 19.43 10.62 -54.31
C HIS A 240 18.07 10.92 -54.87
N LEU A 241 17.89 12.19 -55.26
CA LEU A 241 16.60 12.66 -55.79
C LEU A 241 16.36 12.14 -57.20
N GLU A 242 15.13 11.67 -57.44
CA GLU A 242 14.82 10.96 -58.69
C GLU A 242 14.09 11.81 -59.71
N ASP A 301 4.96 12.13 -56.49
CA ASP A 301 5.82 12.78 -57.47
C ASP A 301 6.93 13.56 -56.77
N PRO A 302 8.20 13.15 -57.01
CA PRO A 302 9.40 13.65 -56.29
C PRO A 302 9.83 15.11 -56.54
N GLN A 303 9.19 15.80 -57.47
CA GLN A 303 9.52 17.21 -57.79
C GLN A 303 8.47 18.20 -57.24
N GLU A 304 7.20 17.80 -57.26
CA GLU A 304 6.08 18.65 -56.83
C GLU A 304 6.09 19.04 -55.35
N ILE A 305 6.77 18.21 -54.54
CA ILE A 305 6.92 18.42 -53.10
C ILE A 305 7.68 19.71 -52.80
N ILE A 306 8.77 19.91 -53.54
CA ILE A 306 9.67 21.06 -53.40
C ILE A 306 8.95 22.41 -53.50
N ASN A 307 7.81 22.42 -54.18
CA ASN A 307 7.00 23.64 -54.31
C ASN A 307 6.45 24.15 -52.98
N ASN A 308 5.93 23.22 -52.17
CA ASN A 308 5.30 23.52 -50.90
C ASN A 308 6.27 24.08 -49.84
N MET A 309 7.57 23.88 -50.07
CA MET A 309 8.60 24.19 -49.08
C MET A 309 9.06 25.65 -49.07
N VAL A 310 8.87 26.34 -50.18
CA VAL A 310 9.51 27.64 -50.43
C VAL A 310 8.99 28.76 -49.54
N ASP A 311 7.70 28.70 -49.21
CA ASP A 311 7.10 29.69 -48.32
C ASP A 311 7.23 29.25 -46.86
N ASN A 312 7.62 28.00 -46.64
CA ASN A 312 7.66 27.42 -45.29
C ASN A 312 8.85 27.87 -44.44
N ILE A 313 10.01 28.04 -45.06
CA ILE A 313 11.18 28.54 -44.35
C ILE A 313 11.15 30.06 -44.40
N GLU A 314 10.79 30.66 -43.27
CA GLU A 314 10.61 32.11 -43.17
C GLU A 314 11.83 32.72 -42.50
N PHE A 315 12.20 32.15 -41.36
CA PHE A 315 13.36 32.58 -40.61
C PHE A 315 14.00 31.37 -39.95
N LEU A 316 15.17 31.55 -39.34
CA LEU A 316 15.86 30.50 -38.60
C LEU A 316 16.45 30.99 -37.28
N SER A 317 15.94 30.44 -36.18
CA SER A 317 16.43 30.74 -34.86
C SER A 317 17.09 29.52 -34.23
N ILE A 318 18.37 29.63 -33.87
CA ILE A 318 19.09 28.63 -33.09
C ILE A 318 19.65 29.29 -31.85
N PRO A 319 19.23 28.86 -30.66
CA PRO A 319 18.20 27.92 -30.26
C PRO A 319 16.84 28.31 -30.78
N HIS A 320 15.96 27.32 -30.90
CA HIS A 320 14.58 27.54 -31.26
C HIS A 320 13.99 28.50 -30.28
N VAL A 321 13.07 29.33 -30.74
CA VAL A 321 12.49 30.40 -29.90
C VAL A 321 11.88 29.88 -28.61
N TYR A 322 11.10 28.81 -28.71
CA TYR A 322 10.36 28.29 -27.55
C TYR A 322 11.09 27.33 -26.59
N THR A 323 12.38 27.10 -26.85
CA THR A 323 13.19 26.11 -26.12
C THR A 323 13.02 26.20 -24.62
N THR A 324 13.21 27.40 -24.06
CA THR A 324 13.06 27.62 -22.61
C THR A 324 11.66 28.07 -22.18
N HIS A 325 10.79 28.29 -23.14
CA HIS A 325 9.51 28.87 -22.82
C HIS A 325 8.41 27.85 -22.88
N ARG A 326 8.76 26.64 -23.32
CA ARG A 326 7.76 25.58 -23.45
C ARG A 326 8.12 24.43 -22.52
N TYR A 327 7.25 24.13 -21.56
CA TYR A 327 7.56 23.11 -20.56
C TYR A 327 7.91 21.80 -21.21
N SER A 328 7.15 21.43 -22.23
CA SER A 328 7.25 20.14 -22.84
C SER A 328 8.63 19.91 -23.49
N ILE A 329 9.29 21.01 -23.87
CA ILE A 329 10.64 20.92 -24.45
C ILE A 329 11.67 20.69 -23.35
N LEU A 330 11.58 21.46 -22.27
CA LEU A 330 12.47 21.31 -21.13
C LEU A 330 12.38 19.91 -20.53
N LEU A 331 11.16 19.37 -20.53
CA LEU A 331 10.84 18.04 -20.03
C LEU A 331 11.64 16.98 -20.79
N CYS A 332 11.58 17.05 -22.12
CA CYS A 332 12.30 16.14 -22.95
C CYS A 332 13.82 16.32 -22.80
N LEU A 333 14.30 17.55 -22.97
CA LEU A 333 15.73 17.86 -22.86
C LEU A 333 16.36 17.42 -21.56
N ASN A 334 15.58 17.49 -20.50
CA ASN A 334 16.02 17.09 -19.17
C ASN A 334 16.35 15.59 -19.08
N ASP A 335 15.62 14.77 -19.83
CA ASP A 335 15.88 13.35 -19.91
C ASP A 335 17.25 13.10 -20.55
N MET A 336 17.60 13.90 -21.57
CA MET A 336 18.79 13.64 -22.38
C MET A 336 20.03 14.39 -21.96
N ILE A 337 19.91 15.71 -21.78
CA ILE A 337 21.09 16.53 -21.56
C ILE A 337 20.93 17.49 -20.37
N PRO A 338 20.62 16.95 -19.17
CA PRO A 338 20.32 17.80 -18.02
C PRO A 338 21.40 18.85 -17.73
N GLU A 339 22.66 18.51 -17.98
CA GLU A 339 23.76 19.40 -17.66
C GLU A 339 24.18 20.36 -18.79
N TYR A 340 23.53 20.33 -19.94
CA TYR A 340 23.97 21.19 -21.04
C TYR A 340 23.63 22.62 -20.72
N LYS A 341 24.60 23.52 -20.95
CA LYS A 341 24.38 24.96 -20.89
C LYS A 341 24.80 25.67 -22.17
N HIS A 342 23.82 26.29 -22.81
CA HIS A 342 24.05 27.05 -24.02
C HIS A 342 24.35 28.48 -23.62
N ASN A 343 25.23 29.14 -24.39
CA ASN A 343 25.61 30.55 -24.17
C ASN A 343 24.40 31.42 -23.90
N VAL A 344 23.34 31.14 -24.63
CA VAL A 344 22.14 31.95 -24.68
C VAL A 344 21.13 31.66 -23.54
N LEU A 345 21.48 30.71 -22.67
CA LEU A 345 20.63 30.31 -21.53
C LEU A 345 21.19 30.77 -20.19
N ASN A 346 20.33 31.08 -19.23
CA ASN A 346 20.80 31.56 -17.93
C ASN A 346 21.16 30.44 -16.94
N ASN A 347 20.88 29.19 -17.32
CA ASN A 347 21.32 28.02 -16.55
C ASN A 347 21.31 26.73 -17.34
N THR A 348 21.78 25.65 -16.70
CA THR A 348 21.75 24.30 -17.29
C THR A 348 20.33 23.91 -17.58
N ILE A 349 20.15 22.98 -18.52
CA ILE A 349 18.84 22.42 -18.82
C ILE A 349 18.10 21.98 -17.54
N ARG A 350 18.75 21.21 -16.67
CA ARG A 350 18.06 20.73 -15.48
C ARG A 350 17.57 21.89 -14.62
N CYS A 351 18.47 22.83 -14.29
CA CYS A 351 18.11 23.98 -13.47
C CYS A 351 16.92 24.68 -14.07
N LEU A 352 17.03 25.05 -15.35
CA LEU A 352 15.92 25.68 -16.06
C LEU A 352 14.63 24.89 -15.92
N TYR A 353 14.75 23.55 -15.92
CA TYR A 353 13.61 22.64 -15.79
C TYR A 353 13.02 22.68 -14.39
N ASN A 354 13.86 22.51 -13.38
CA ASN A 354 13.45 22.60 -11.97
C ASN A 354 12.71 23.90 -11.63
N LYS A 355 13.26 25.03 -12.08
CA LYS A 355 12.65 26.34 -11.87
C LYS A 355 11.27 26.38 -12.49
N TYR A 356 11.14 25.87 -13.70
CA TYR A 356 9.84 25.91 -14.37
C TYR A 356 8.79 25.15 -13.56
N VAL A 357 9.21 24.05 -12.92
CA VAL A 357 8.29 23.21 -12.14
C VAL A 357 7.79 23.94 -10.89
N SER A 358 8.73 24.40 -10.05
CA SER A 358 8.40 25.09 -8.80
C SER A 358 7.74 26.46 -8.99
N ARG A 359 8.05 27.12 -10.11
CA ARG A 359 7.41 28.39 -10.47
C ARG A 359 5.91 28.21 -10.70
N MET A 360 5.52 27.17 -11.44
CA MET A 360 4.11 26.89 -11.69
C MET A 360 3.41 26.43 -10.40
N LYS A 361 4.22 26.08 -9.40
CA LYS A 361 3.71 25.73 -8.09
C LYS A 361 3.60 26.98 -7.21
N GLU A 362 4.29 28.06 -7.59
CA GLU A 362 4.37 29.28 -6.79
C GLU A 362 3.96 30.57 -7.53
N GLN A 363 3.31 30.41 -8.68
CA GLN A 363 2.71 31.52 -9.44
C GLN A 363 1.26 31.17 -9.73
N TYR A 364 1.01 29.87 -9.76
CA TYR A 364 -0.32 29.28 -9.77
C TYR A 364 -0.24 28.18 -8.72
N ASN A 365 -1.31 27.42 -8.55
CA ASN A 365 -1.23 26.23 -7.71
C ASN A 365 -1.34 25.00 -8.60
N ILE A 366 -0.35 24.86 -9.47
CA ILE A 366 -0.36 23.82 -10.51
C ILE A 366 0.86 22.88 -10.39
N ASN A 367 0.60 21.60 -10.17
CA ASN A 367 1.62 20.58 -10.37
C ASN A 367 1.62 20.16 -11.82
N ILE A 368 2.60 20.68 -12.56
CA ILE A 368 2.68 20.58 -14.02
C ILE A 368 2.83 19.12 -14.49
N LYS A 369 3.47 18.30 -13.67
CA LYS A 369 3.62 16.87 -13.93
C LYS A 369 2.30 16.15 -14.23
N GLU A 370 1.23 16.58 -13.57
CA GLU A 370 -0.09 15.95 -13.71
C GLU A 370 -0.67 16.03 -15.13
N ASN A 371 -0.38 17.13 -15.83
CA ASN A 371 -0.82 17.32 -17.21
C ASN A 371 0.15 16.75 -18.24
N ASN A 372 1.39 16.50 -17.80
CA ASN A 372 2.47 16.13 -18.71
C ASN A 372 3.03 14.73 -18.39
N LYS A 373 2.56 13.74 -19.11
CA LYS A 373 2.78 12.35 -18.72
C LYS A 373 3.88 11.65 -19.51
N ARG A 374 4.80 11.03 -18.77
CA ARG A 374 5.83 10.18 -19.38
C ARG A 374 5.18 8.95 -19.94
N ILE A 375 5.62 8.56 -21.13
CA ILE A 375 5.10 7.36 -21.82
C ILE A 375 6.21 6.33 -22.10
N TYR A 376 5.86 5.04 -21.99
CA TYR A 376 6.69 4.00 -22.53
C TYR A 376 5.87 3.19 -23.54
N VAL A 377 6.57 2.43 -24.39
CA VAL A 377 5.93 1.67 -25.44
C VAL A 377 6.39 0.23 -25.38
N LEU A 378 5.45 -0.70 -25.30
CA LEU A 378 5.81 -2.10 -25.29
C LEU A 378 5.84 -2.68 -26.70
N LYS A 379 4.92 -2.24 -27.55
CA LYS A 379 4.88 -2.72 -28.90
C LYS A 379 4.61 -1.53 -29.80
N ASP A 380 3.34 -1.13 -29.96
CA ASP A 380 3.03 -0.03 -30.89
C ASP A 380 2.09 1.01 -30.32
N ARG A 381 1.71 0.85 -29.06
CA ARG A 381 0.82 1.80 -28.39
C ARG A 381 1.46 2.50 -27.20
N ILE A 382 0.88 3.65 -26.89
CA ILE A 382 1.13 4.43 -25.71
C ILE A 382 0.76 3.71 -24.42
N SER A 383 1.69 3.66 -23.46
CA SER A 383 1.37 3.29 -22.09
C SER A 383 1.82 4.47 -21.26
N TYR A 384 1.01 4.90 -20.32
CA TYR A 384 1.40 5.97 -19.45
C TYR A 384 2.17 5.32 -18.31
N LEU A 385 3.37 5.84 -18.04
CA LEU A 385 4.21 5.31 -16.97
C LEU A 385 3.48 5.36 -15.65
N LYS A 386 3.54 4.25 -14.92
CA LYS A 386 3.00 4.11 -13.55
C LYS A 386 1.47 4.11 -13.45
N GLU A 387 0.75 4.03 -14.56
CA GLU A 387 -0.71 4.03 -14.49
C GLU A 387 -1.42 2.66 -14.47
N LYS A 388 -0.68 1.57 -14.66
CA LYS A 388 -1.27 0.24 -14.77
C LYS A 388 -0.19 -0.80 -14.52
N THR A 389 -0.49 -1.82 -13.74
CA THR A 389 0.36 -2.97 -13.56
C THR A 389 -0.04 -4.08 -14.54
N ASN A 390 0.74 -4.23 -15.61
CA ASN A 390 0.48 -5.27 -16.59
C ASN A 390 0.98 -6.63 -16.13
N ILE A 391 0.20 -7.67 -16.36
CA ILE A 391 0.61 -9.04 -16.10
C ILE A 391 1.33 -9.61 -17.32
N VAL A 392 2.50 -10.20 -17.08
CA VAL A 392 3.27 -10.88 -18.13
C VAL A 392 3.22 -12.37 -17.79
N GLY A 393 2.55 -13.15 -18.65
CA GLY A 393 2.42 -14.59 -18.40
C GLY A 393 3.63 -15.37 -18.87
N ILE A 394 4.11 -16.28 -18.02
CA ILE A 394 5.33 -17.04 -18.33
C ILE A 394 5.01 -18.30 -19.13
N LEU A 395 5.69 -18.53 -20.24
CA LEU A 395 5.57 -19.79 -20.96
C LEU A 395 6.96 -20.42 -21.02
N ASN A 396 7.24 -21.34 -20.12
CA ASN A 396 8.49 -22.07 -20.14
C ASN A 396 8.33 -23.28 -21.06
N VAL A 397 9.01 -23.26 -22.20
CA VAL A 397 9.08 -24.44 -23.05
C VAL A 397 10.41 -25.17 -22.78
N ASN A 398 10.39 -26.11 -21.85
CA ASN A 398 11.56 -26.93 -21.51
C ASN A 398 11.20 -28.42 -21.41
N PHE A 408 10.09 -32.03 -22.53
CA PHE A 408 9.70 -31.45 -23.82
C PHE A 408 8.24 -30.97 -23.82
N VAL A 409 8.03 -29.68 -24.05
CA VAL A 409 6.68 -29.11 -24.16
C VAL A 409 6.30 -29.00 -25.64
N GLU A 410 5.24 -29.71 -26.03
CA GLU A 410 4.84 -29.87 -27.42
C GLU A 410 4.14 -28.61 -27.96
N PRO A 411 4.54 -28.15 -29.17
CA PRO A 411 4.00 -26.92 -29.74
C PRO A 411 2.48 -26.71 -29.51
N LYS A 412 1.64 -27.64 -29.96
CA LYS A 412 0.19 -27.54 -29.77
C LYS A 412 -0.23 -27.27 -28.32
N ARG A 413 0.36 -27.99 -27.36
CA ARG A 413 0.08 -27.78 -25.94
C ARG A 413 0.56 -26.38 -25.48
N ALA A 414 1.78 -26.03 -25.89
CA ALA A 414 2.34 -24.70 -25.63
C ALA A 414 1.44 -23.61 -26.16
N VAL A 415 0.95 -23.78 -27.38
CA VAL A 415 0.01 -22.78 -27.94
C VAL A 415 -1.36 -22.76 -27.24
N GLN A 416 -1.78 -23.88 -26.67
CA GLN A 416 -3.03 -23.91 -25.92
C GLN A 416 -2.83 -23.06 -24.68
N ARG A 417 -1.72 -23.28 -23.98
CA ARG A 417 -1.40 -22.54 -22.78
C ARG A 417 -1.33 -21.02 -23.05
N MET A 418 -0.72 -20.62 -24.17
CA MET A 418 -0.73 -19.21 -24.57
C MET A 418 -2.11 -18.61 -24.62
N PHE A 419 -3.06 -19.35 -25.18
CA PHE A 419 -4.46 -18.86 -25.28
C PHE A 419 -5.16 -18.91 -23.94
N GLU A 420 -4.86 -19.90 -23.11
CA GLU A 420 -5.38 -19.89 -21.76
C GLU A 420 -4.94 -18.62 -21.00
N MET A 421 -3.73 -18.13 -21.27
CA MET A 421 -3.17 -16.96 -20.56
C MET A 421 -3.74 -15.66 -21.06
N ILE A 422 -3.93 -15.54 -22.38
CA ILE A 422 -4.66 -14.38 -22.92
C ILE A 422 -6.04 -14.25 -22.24
N ASN A 423 -6.77 -15.35 -22.17
CA ASN A 423 -8.11 -15.29 -21.62
C ASN A 423 -8.13 -15.19 -20.10
N GLU A 424 -7.02 -15.57 -19.44
CA GLU A 424 -6.93 -15.39 -18.02
C GLU A 424 -6.49 -13.95 -17.67
N GLY A 425 -6.08 -13.16 -18.67
CA GLY A 425 -5.77 -11.74 -18.43
C GLY A 425 -4.36 -11.18 -18.70
N ALA A 426 -3.42 -12.02 -19.15
CA ALA A 426 -2.06 -11.61 -19.50
C ALA A 426 -2.02 -10.60 -20.67
N SER A 427 -1.34 -9.47 -20.49
CA SER A 427 -1.10 -8.51 -21.58
C SER A 427 0.04 -8.90 -22.49
N VAL A 428 0.94 -9.71 -21.94
CA VAL A 428 2.22 -9.99 -22.58
C VAL A 428 2.43 -11.44 -22.27
N ILE A 429 2.96 -12.17 -23.26
CA ILE A 429 3.45 -13.51 -22.99
C ILE A 429 4.96 -13.48 -23.15
N ASP A 430 5.65 -14.06 -22.18
CA ASP A 430 7.08 -14.15 -22.21
C ASP A 430 7.47 -15.59 -22.36
N ILE A 431 7.98 -15.93 -23.55
CA ILE A 431 8.41 -17.30 -23.86
C ILE A 431 9.92 -17.47 -23.73
N GLY A 432 10.35 -18.57 -23.12
CA GLY A 432 11.74 -18.90 -23.03
C GLY A 432 11.98 -20.38 -23.27
N GLY A 433 13.08 -20.69 -23.95
CA GLY A 433 13.44 -22.08 -24.21
C GLY A 433 14.65 -22.52 -23.42
N GLU A 434 15.18 -21.62 -22.59
CA GLU A 434 16.43 -21.89 -21.90
C GLU A 434 16.35 -21.51 -20.45
N SER A 435 16.25 -22.49 -19.57
CA SER A 435 16.22 -22.23 -18.13
C SER A 435 17.48 -21.52 -17.67
N SER A 436 17.28 -20.58 -16.74
CA SER A 436 18.37 -19.84 -16.08
C SER A 436 18.27 -20.07 -14.56
N ALA A 437 17.41 -21.03 -14.18
CA ALA A 437 17.18 -21.39 -12.78
C ALA A 437 18.45 -21.90 -12.09
N PRO A 438 18.58 -21.66 -10.78
CA PRO A 438 19.81 -22.12 -10.10
C PRO A 438 20.23 -23.59 -10.42
N PHE A 439 21.46 -23.75 -10.89
CA PHE A 439 22.08 -25.07 -11.06
C PHE A 439 21.41 -25.95 -12.11
N VAL A 440 20.68 -25.34 -13.03
CA VAL A 440 20.05 -26.06 -14.13
C VAL A 440 21.09 -26.36 -15.21
N ILE A 441 21.35 -27.64 -15.44
CA ILE A 441 22.09 -28.05 -16.62
C ILE A 441 21.04 -28.38 -17.67
N PRO A 442 21.12 -27.73 -18.85
CA PRO A 442 20.13 -28.06 -19.87
C PRO A 442 20.47 -29.37 -20.59
N ASN A 443 19.50 -29.88 -21.35
CA ASN A 443 19.70 -31.08 -22.15
C ASN A 443 19.98 -30.70 -23.61
N PRO A 444 21.23 -30.92 -24.08
CA PRO A 444 21.65 -30.54 -25.45
C PRO A 444 20.93 -31.32 -26.59
N LYS A 445 20.17 -32.35 -26.21
CA LYS A 445 19.30 -33.11 -27.12
C LYS A 445 18.44 -32.19 -28.00
N ILE A 446 17.94 -31.10 -27.42
CA ILE A 446 17.08 -30.16 -28.14
C ILE A 446 17.51 -28.70 -27.92
N SER A 447 17.69 -27.96 -29.01
CA SER A 447 18.24 -26.59 -28.92
C SER A 447 17.14 -25.56 -28.64
N GLU A 448 17.51 -24.49 -27.94
CA GLU A 448 16.62 -23.35 -27.65
C GLU A 448 15.81 -23.00 -28.91
N ARG A 449 16.49 -22.84 -30.04
CA ARG A 449 15.76 -22.46 -31.24
C ARG A 449 14.59 -23.41 -31.48
N ASP A 450 14.88 -24.71 -31.39
CA ASP A 450 13.89 -25.71 -31.77
C ASP A 450 12.78 -25.80 -30.73
N LEU A 451 13.05 -25.38 -29.50
CA LEU A 451 11.98 -25.29 -28.51
C LEU A 451 11.11 -24.08 -28.72
N VAL A 452 11.66 -22.93 -29.09
CA VAL A 452 10.80 -21.73 -29.07
C VAL A 452 10.15 -21.36 -30.40
N VAL A 453 10.93 -21.42 -31.47
CA VAL A 453 10.44 -21.01 -32.80
C VAL A 453 9.16 -21.75 -33.27
N PRO A 454 9.17 -23.09 -33.26
CA PRO A 454 7.96 -23.79 -33.73
C PRO A 454 6.73 -23.37 -32.93
N VAL A 455 6.91 -23.19 -31.62
CA VAL A 455 5.84 -22.64 -30.80
C VAL A 455 5.36 -21.24 -31.26
N LEU A 456 6.28 -20.32 -31.49
CA LEU A 456 5.84 -18.98 -31.88
C LEU A 456 5.22 -18.97 -33.26
N GLN A 457 5.70 -19.83 -34.15
CA GLN A 457 5.11 -19.98 -35.50
C GLN A 457 3.69 -20.52 -35.45
N LEU A 458 3.47 -21.59 -34.68
CA LEU A 458 2.13 -22.11 -34.47
C LEU A 458 1.19 -21.06 -33.87
N PHE A 459 1.64 -20.37 -32.81
CA PHE A 459 0.79 -19.33 -32.24
C PHE A 459 0.44 -18.28 -33.24
N GLN A 460 1.39 -17.90 -34.09
CA GLN A 460 1.13 -16.89 -35.09
C GLN A 460 0.11 -17.41 -36.12
N LYS A 461 0.15 -18.72 -36.40
CA LYS A 461 -0.84 -19.35 -37.30
C LYS A 461 -2.25 -19.32 -36.66
N GLU A 462 -2.43 -20.07 -35.57
CA GLU A 462 -3.68 -20.03 -34.80
C GLU A 462 -4.25 -18.62 -34.63
N TRP A 463 -3.43 -17.66 -34.18
CA TRP A 463 -3.95 -16.31 -34.00
C TRP A 463 -4.53 -15.72 -35.27
N ASN A 464 -3.87 -15.93 -36.41
CA ASN A 464 -4.32 -15.41 -37.72
C ASN A 464 -5.54 -16.10 -38.35
N ASP A 465 -5.76 -17.37 -37.99
CA ASP A 465 -6.97 -18.09 -38.34
C ASP A 465 -8.15 -17.40 -37.66
N ILE A 466 -8.14 -17.43 -36.32
CA ILE A 466 -9.22 -16.88 -35.48
C ILE A 466 -9.21 -15.35 -35.37
N LYS A 467 -8.35 -14.71 -36.15
CA LYS A 467 -8.20 -13.25 -36.10
C LYS A 467 -9.33 -12.58 -36.86
N ASN A 468 -9.50 -12.95 -38.13
CA ASN A 468 -10.49 -12.37 -39.02
C ASN A 468 -11.94 -12.86 -38.82
N LYS A 469 -12.13 -13.77 -37.86
CA LYS A 469 -13.46 -14.23 -37.48
C LYS A 469 -14.13 -13.32 -36.45
N ILE A 470 -13.33 -12.71 -35.59
CA ILE A 470 -13.84 -11.84 -34.52
C ILE A 470 -13.14 -10.47 -34.53
N VAL A 471 -13.61 -9.54 -33.70
CA VAL A 471 -12.92 -8.25 -33.50
C VAL A 471 -11.75 -8.45 -32.53
N LYS A 472 -10.61 -8.86 -33.11
CA LYS A 472 -9.40 -9.15 -32.35
C LYS A 472 -8.16 -8.64 -33.11
N CYS A 473 -7.69 -7.47 -32.72
CA CYS A 473 -6.41 -6.93 -33.17
C CYS A 473 -5.65 -6.31 -31.98
N ASP A 474 -6.33 -5.40 -31.27
CA ASP A 474 -5.81 -4.86 -30.01
C ASP A 474 -5.84 -5.95 -28.94
N ALA A 475 -6.60 -7.02 -29.21
CA ALA A 475 -6.73 -8.15 -28.30
C ALA A 475 -5.50 -9.08 -28.32
N LYS A 476 -4.60 -8.88 -29.27
CA LYS A 476 -3.41 -9.73 -29.42
C LYS A 476 -2.39 -9.44 -28.33
N PRO A 477 -1.93 -10.48 -27.61
CA PRO A 477 -0.92 -10.21 -26.56
C PRO A 477 0.38 -9.78 -27.22
N ILE A 478 1.04 -8.84 -26.56
CA ILE A 478 2.42 -8.49 -26.85
C ILE A 478 3.23 -9.75 -26.54
N ILE A 479 4.16 -10.09 -27.43
CA ILE A 479 4.99 -11.28 -27.23
C ILE A 479 6.45 -10.91 -26.91
N SER A 480 6.94 -11.58 -25.88
CA SER A 480 8.24 -11.31 -25.33
C SER A 480 9.05 -12.61 -25.38
N ILE A 481 10.32 -12.53 -25.79
CA ILE A 481 11.18 -13.71 -25.75
C ILE A 481 12.37 -13.53 -24.79
N ASP A 482 12.43 -14.44 -23.84
CA ASP A 482 13.48 -14.57 -22.85
C ASP A 482 14.68 -15.35 -23.46
N THR A 483 15.56 -14.62 -24.12
CA THR A 483 16.77 -15.15 -24.71
C THR A 483 17.95 -14.18 -24.61
N ILE A 484 19.16 -14.72 -24.54
CA ILE A 484 20.36 -13.90 -24.69
C ILE A 484 21.02 -14.18 -26.02
N ASN A 485 20.46 -15.12 -26.75
CA ASN A 485 21.10 -15.65 -27.94
C ASN A 485 20.62 -14.98 -29.22
N TYR A 486 21.57 -14.32 -29.88
CA TYR A 486 21.37 -13.55 -31.08
C TYR A 486 20.68 -14.34 -32.20
N ASN A 487 21.08 -15.60 -32.39
CA ASN A 487 20.52 -16.42 -33.51
C ASN A 487 19.03 -16.64 -33.30
N VAL A 488 18.65 -16.93 -32.06
CA VAL A 488 17.23 -17.15 -31.72
C VAL A 488 16.41 -15.87 -32.02
N PHE A 489 16.89 -14.75 -31.51
CA PHE A 489 16.19 -13.49 -31.68
C PHE A 489 16.19 -13.02 -33.12
N LYS A 490 17.29 -13.23 -33.85
CA LYS A 490 17.31 -12.94 -35.30
C LYS A 490 16.19 -13.65 -36.07
N GLU A 491 15.98 -14.94 -35.76
CA GLU A 491 14.94 -15.69 -36.46
C GLU A 491 13.54 -15.25 -36.05
N CYS A 492 13.31 -15.03 -34.74
CA CYS A 492 12.02 -14.48 -34.27
C CYS A 492 11.72 -13.13 -34.93
N VAL A 493 12.73 -12.29 -35.01
CA VAL A 493 12.53 -10.95 -35.53
C VAL A 493 12.29 -10.96 -37.03
N ASP A 494 13.08 -11.74 -37.77
CA ASP A 494 12.88 -11.88 -39.21
C ASP A 494 11.48 -12.35 -39.57
N ASN A 495 10.91 -13.26 -38.77
CA ASN A 495 9.63 -13.88 -39.08
C ASN A 495 8.46 -13.27 -38.32
N ASP A 496 8.63 -11.99 -37.98
CA ASP A 496 7.65 -11.18 -37.24
C ASP A 496 6.95 -11.92 -36.09
N LEU A 497 7.72 -12.69 -35.31
CA LEU A 497 7.17 -13.60 -34.27
C LEU A 497 7.15 -13.05 -32.83
N VAL A 498 7.84 -11.94 -32.60
CA VAL A 498 7.94 -11.38 -31.25
C VAL A 498 7.91 -9.87 -31.31
N ASP A 499 7.72 -9.24 -30.16
CA ASP A 499 7.66 -7.80 -30.02
C ASP A 499 8.80 -7.29 -29.12
N ILE A 500 9.14 -8.07 -28.09
CA ILE A 500 10.07 -7.63 -27.08
C ILE A 500 11.17 -8.66 -26.89
N LEU A 501 12.38 -8.15 -26.69
CA LEU A 501 13.51 -8.93 -26.23
C LEU A 501 13.63 -8.81 -24.71
N ASN A 502 13.59 -9.96 -24.03
CA ASN A 502 13.79 -10.00 -22.60
C ASN A 502 15.21 -10.54 -22.43
N ASP A 503 16.18 -9.66 -22.18
CA ASP A 503 17.58 -10.09 -22.11
C ASP A 503 18.06 -10.12 -20.66
N ILE A 504 18.08 -11.29 -20.06
CA ILE A 504 18.55 -11.38 -18.71
C ILE A 504 20.01 -10.98 -18.49
N SER A 505 20.77 -10.71 -19.56
CA SER A 505 22.15 -10.21 -19.36
C SER A 505 22.23 -8.70 -19.65
N ALA A 506 21.08 -8.10 -19.86
CA ALA A 506 20.98 -6.70 -20.22
C ALA A 506 21.85 -6.42 -21.44
N CYS A 507 21.82 -7.37 -22.37
CA CYS A 507 22.51 -7.27 -23.66
C CYS A 507 24.03 -7.24 -23.51
N THR A 508 24.57 -7.73 -22.39
CA THR A 508 26.02 -7.72 -22.20
C THR A 508 26.63 -8.97 -22.76
N ASN A 509 25.85 -10.05 -22.83
CA ASN A 509 26.38 -11.33 -23.29
C ASN A 509 26.73 -11.36 -24.78
N ASN A 510 25.84 -10.83 -25.61
CA ASN A 510 26.19 -10.47 -26.97
C ASN A 510 25.48 -9.14 -27.37
N PRO A 511 26.18 -8.00 -27.28
CA PRO A 511 25.60 -6.66 -27.59
C PRO A 511 25.23 -6.49 -29.07
N GLU A 512 25.69 -7.38 -29.93
CA GLU A 512 25.26 -7.39 -31.34
C GLU A 512 23.75 -7.51 -31.39
N ILE A 513 23.18 -8.22 -30.44
CA ILE A 513 21.73 -8.32 -30.35
C ILE A 513 20.98 -6.94 -30.45
N ILE A 514 21.60 -5.88 -29.92
CA ILE A 514 21.03 -4.52 -29.94
C ILE A 514 20.84 -4.11 -31.40
N LYS A 515 21.68 -4.57 -32.29
CA LYS A 515 21.46 -4.28 -33.71
C LYS A 515 20.09 -4.81 -34.17
N LEU A 516 19.62 -5.92 -33.60
CA LEU A 516 18.35 -6.52 -34.02
C LEU A 516 17.10 -5.79 -33.52
N LEU A 517 17.28 -4.77 -32.68
CA LEU A 517 16.15 -4.04 -32.12
C LEU A 517 15.67 -2.90 -33.01
N LYS A 518 16.38 -2.67 -34.13
CA LYS A 518 15.98 -1.67 -35.13
C LYS A 518 15.85 -2.31 -36.50
N LYS A 519 14.80 -1.93 -37.23
CA LYS A 519 14.70 -2.16 -38.67
C LYS A 519 14.42 -0.85 -39.42
N LYS A 520 14.22 -0.93 -40.73
CA LYS A 520 14.02 0.28 -41.53
C LYS A 520 12.78 0.97 -41.03
N ASN A 521 11.74 0.19 -40.71
CA ASN A 521 10.49 0.78 -40.22
C ASN A 521 9.97 0.08 -38.96
N LYS A 522 10.85 -0.18 -37.99
CA LYS A 522 10.45 -0.91 -36.81
C LYS A 522 11.43 -0.73 -35.66
N PHE A 523 10.90 -0.51 -34.47
CA PHE A 523 11.71 -0.58 -33.26
C PHE A 523 11.15 -1.67 -32.41
N TYR A 524 12.00 -2.37 -31.67
CA TYR A 524 11.54 -3.36 -30.74
C TYR A 524 11.92 -2.88 -29.38
N SER A 525 11.09 -3.22 -28.40
CA SER A 525 11.36 -2.90 -27.01
C SER A 525 12.14 -4.02 -26.36
N VAL A 526 12.72 -3.73 -25.20
CA VAL A 526 13.69 -4.62 -24.58
C VAL A 526 13.61 -4.45 -23.07
N VAL A 527 13.66 -5.56 -22.34
CA VAL A 527 13.86 -5.61 -20.92
C VAL A 527 15.35 -5.80 -20.62
N LEU A 528 15.90 -4.96 -19.77
CA LEU A 528 17.26 -5.12 -19.32
C LEU A 528 17.17 -5.55 -17.90
N MET A 529 17.68 -6.73 -17.62
CA MET A 529 17.70 -7.28 -16.28
C MET A 529 19.14 -7.30 -15.73
N HIS A 530 19.28 -7.12 -14.40
CA HIS A 530 20.55 -7.28 -13.71
C HIS A 530 20.80 -8.69 -13.21
N LYS A 531 21.97 -9.22 -13.53
CA LYS A 531 22.47 -10.46 -12.91
C LYS A 531 23.98 -10.49 -12.95
N ARG A 532 24.56 -11.41 -12.20
CA ARG A 532 26.00 -11.71 -12.33
C ARG A 532 26.14 -13.18 -12.54
N GLY A 533 27.21 -13.59 -13.21
CA GLY A 533 27.55 -15.02 -13.33
C GLY A 533 26.51 -15.75 -14.13
N ASN A 534 26.42 -17.04 -13.89
CA ASN A 534 25.58 -17.91 -14.68
C ASN A 534 24.83 -18.72 -13.65
N PRO A 535 23.91 -19.61 -14.10
CA PRO A 535 23.09 -20.41 -13.17
C PRO A 535 23.86 -21.15 -12.07
N HIS A 536 25.17 -21.34 -12.25
CA HIS A 536 25.97 -22.14 -11.32
C HIS A 536 26.80 -21.35 -10.36
N THR A 537 27.26 -20.19 -10.80
CA THR A 537 28.10 -19.30 -10.00
C THR A 537 27.32 -18.18 -9.35
N MET A 538 26.14 -17.86 -9.87
CA MET A 538 25.38 -16.67 -9.42
C MET A 538 25.05 -16.59 -7.94
N ASP A 539 24.67 -17.70 -7.31
CA ASP A 539 24.44 -17.74 -5.86
C ASP A 539 25.71 -17.39 -5.06
N LYS A 540 26.89 -17.49 -5.68
CA LYS A 540 28.13 -17.16 -4.98
C LYS A 540 28.63 -15.73 -5.21
N LEU A 541 27.97 -14.96 -6.09
CA LEU A 541 28.44 -13.64 -6.46
C LEU A 541 27.58 -12.52 -5.87
N THR A 542 27.40 -12.56 -4.55
CA THR A 542 26.43 -11.71 -3.91
C THR A 542 26.99 -10.56 -3.05
N ASN A 543 28.22 -10.13 -3.30
CA ASN A 543 28.81 -8.95 -2.64
C ASN A 543 28.51 -7.63 -3.35
N TYR A 544 28.00 -6.68 -2.58
CA TYR A 544 27.70 -5.37 -3.17
C TYR A 544 28.04 -4.28 -2.18
N ASP A 545 28.73 -3.23 -2.62
CA ASP A 545 28.98 -2.15 -1.67
C ASP A 545 27.68 -1.46 -1.30
N ASN A 546 26.82 -1.24 -2.28
CA ASN A 546 25.60 -0.47 -2.09
C ASN A 546 24.49 -1.08 -2.96
N LEU A 547 23.89 -2.15 -2.45
CA LEU A 547 23.11 -3.07 -3.25
C LEU A 547 22.09 -2.33 -4.13
N VAL A 548 21.22 -1.57 -3.50
CA VAL A 548 20.13 -0.94 -4.21
C VAL A 548 20.59 -0.05 -5.34
N TYR A 549 21.67 0.69 -5.10
CA TYR A 549 22.16 1.72 -6.03
C TYR A 549 23.17 1.20 -7.07
N ASP A 550 23.88 0.14 -6.71
CA ASP A 550 24.80 -0.52 -7.64
C ASP A 550 23.95 -1.07 -8.81
N ILE A 551 22.81 -1.68 -8.48
CA ILE A 551 21.91 -2.24 -9.47
C ILE A 551 21.24 -1.14 -10.29
N LYS A 552 20.68 -0.14 -9.62
CA LYS A 552 20.16 1.00 -10.33
C LYS A 552 21.20 1.60 -11.28
N ASN A 553 22.38 1.92 -10.76
CA ASN A 553 23.44 2.51 -11.60
C ASN A 553 23.81 1.63 -12.78
N TYR A 554 23.89 0.32 -12.55
CA TYR A 554 24.17 -0.62 -13.62
C TYR A 554 23.08 -0.55 -14.70
N LEU A 555 21.81 -0.59 -14.29
CA LEU A 555 20.75 -0.55 -15.27
C LEU A 555 20.81 0.78 -16.06
N GLU A 556 21.12 1.86 -15.37
CA GLU A 556 21.26 3.15 -16.05
C GLU A 556 22.40 3.14 -17.07
N GLN A 557 23.53 2.52 -16.74
CA GLN A 557 24.62 2.49 -17.68
C GLN A 557 24.21 1.69 -18.93
N ARG A 558 23.51 0.57 -18.71
CA ARG A 558 23.05 -0.27 -19.81
C ARG A 558 22.07 0.52 -20.68
N LEU A 559 21.12 1.24 -20.05
CA LEU A 559 20.24 2.07 -20.83
C LEU A 559 21.02 3.10 -21.64
N ASN A 560 22.03 3.73 -21.03
CA ASN A 560 22.82 4.72 -21.75
C ASN A 560 23.52 4.18 -22.96
N PHE A 561 23.97 2.94 -22.86
CA PHE A 561 24.63 2.29 -23.97
C PHE A 561 23.64 2.01 -25.13
N LEU A 562 22.46 1.52 -24.80
CA LEU A 562 21.43 1.33 -25.85
C LEU A 562 21.01 2.67 -26.47
N VAL A 563 20.84 3.68 -25.61
CA VAL A 563 20.37 4.97 -26.08
C VAL A 563 21.43 5.64 -26.97
N LEU A 564 22.70 5.51 -26.59
CA LEU A 564 23.79 5.97 -27.42
C LEU A 564 23.78 5.27 -28.81
N ASN A 565 23.22 4.04 -28.85
CA ASN A 565 23.24 3.24 -30.07
C ASN A 565 21.89 3.28 -30.78
N GLY A 566 21.11 4.30 -30.45
CA GLY A 566 19.90 4.59 -31.21
C GLY A 566 18.62 3.93 -30.78
N ILE A 567 18.63 3.18 -29.69
CA ILE A 567 17.38 2.60 -29.20
C ILE A 567 16.58 3.68 -28.45
N PRO A 568 15.32 3.87 -28.84
CA PRO A 568 14.50 4.86 -28.15
C PRO A 568 14.46 4.61 -26.65
N ARG A 569 14.73 5.64 -25.85
CA ARG A 569 14.73 5.54 -24.39
C ARG A 569 13.43 4.96 -23.82
N TYR A 570 12.32 5.31 -24.46
CA TYR A 570 11.01 4.93 -23.99
C TYR A 570 10.68 3.45 -24.30
N ARG A 571 11.59 2.72 -24.94
CA ARG A 571 11.32 1.30 -25.23
C ARG A 571 12.16 0.36 -24.37
N ILE A 572 12.77 0.91 -23.31
CA ILE A 572 13.69 0.18 -22.49
C ILE A 572 13.10 0.07 -21.10
N LEU A 573 13.08 -1.16 -20.59
CA LEU A 573 12.47 -1.47 -19.32
C LEU A 573 13.54 -1.99 -18.38
N PHE A 574 13.43 -1.62 -17.11
CA PHE A 574 14.38 -2.03 -16.08
C PHE A 574 13.88 -3.22 -15.30
N ASP A 575 14.78 -4.16 -14.98
CA ASP A 575 14.43 -5.29 -14.12
C ASP A 575 15.58 -5.56 -13.17
N ILE A 576 15.29 -5.56 -11.87
CA ILE A 576 16.35 -5.67 -10.89
C ILE A 576 16.81 -7.11 -10.74
N GLY A 577 16.14 -8.02 -11.46
CA GLY A 577 16.47 -9.42 -11.43
C GLY A 577 16.46 -10.09 -10.08
N LEU A 578 15.30 -10.23 -9.46
CA LEU A 578 15.23 -10.87 -8.13
C LEU A 578 15.75 -12.28 -8.25
N GLY A 579 16.50 -12.76 -7.26
CA GLY A 579 17.03 -14.14 -7.32
C GLY A 579 18.29 -14.38 -8.16
N PHE A 580 18.76 -13.38 -8.91
CA PHE A 580 19.95 -13.53 -9.73
C PHE A 580 21.17 -12.87 -9.12
N ALA A 581 21.97 -13.65 -8.38
CA ALA A 581 23.11 -13.11 -7.67
C ALA A 581 22.64 -12.22 -6.53
N LYS A 582 21.58 -12.67 -5.87
CA LYS A 582 21.02 -12.01 -4.71
C LYS A 582 20.69 -13.06 -3.69
N LYS A 583 21.11 -12.89 -2.46
CA LYS A 583 20.60 -13.76 -1.40
C LYS A 583 19.17 -13.34 -1.12
N HIS A 584 18.42 -14.16 -0.41
CA HIS A 584 17.02 -13.86 -0.20
C HIS A 584 16.75 -12.55 0.45
N ASP A 585 17.58 -12.17 1.44
CA ASP A 585 17.43 -10.88 2.09
C ASP A 585 17.77 -9.74 1.18
N GLN A 586 18.63 -9.96 0.19
CA GLN A 586 18.90 -8.93 -0.79
C GLN A 586 17.77 -8.81 -1.85
N SER A 587 17.16 -9.92 -2.24
CA SER A 587 15.94 -9.84 -3.05
C SER A 587 14.82 -8.99 -2.38
N ILE A 588 14.54 -9.27 -1.11
CA ILE A 588 13.59 -8.52 -0.29
C ILE A 588 13.95 -7.04 -0.24
N LYS A 589 15.24 -6.75 -0.08
CA LYS A 589 15.68 -5.39 0.12
C LYS A 589 15.52 -4.62 -1.18
N LEU A 590 15.66 -5.32 -2.29
CA LEU A 590 15.42 -4.70 -3.57
C LEU A 590 13.94 -4.36 -3.72
N LEU A 591 13.05 -5.25 -3.24
CA LEU A 591 11.58 -4.94 -3.17
C LEU A 591 11.28 -3.77 -2.26
N GLN A 592 11.68 -3.86 -1.00
CA GLN A 592 11.55 -2.75 -0.05
C GLN A 592 11.95 -1.37 -0.65
N ASN A 593 12.92 -1.38 -1.56
CA ASN A 593 13.43 -0.13 -2.17
C ASN A 593 13.07 0.07 -3.62
N ILE A 594 11.93 -0.44 -4.04
CA ILE A 594 11.57 -0.40 -5.43
C ILE A 594 11.25 1.03 -5.89
N HIS A 595 11.06 1.96 -4.92
CA HIS A 595 10.65 3.35 -5.23
C HIS A 595 11.73 4.02 -6.00
N VAL A 596 12.96 3.52 -5.90
CA VAL A 596 14.06 4.18 -6.64
C VAL A 596 13.85 4.10 -8.15
N TYR A 597 12.90 3.25 -8.57
CA TYR A 597 12.56 3.12 -9.99
C TYR A 597 11.30 3.92 -10.40
N ASP A 598 10.88 4.85 -9.54
CA ASP A 598 9.67 5.66 -9.81
C ASP A 598 9.70 6.43 -11.12
N GLU A 599 10.89 6.71 -11.65
CA GLU A 599 11.02 7.44 -12.91
C GLU A 599 11.06 6.51 -14.13
N TYR A 600 11.16 5.20 -13.92
CA TYR A 600 11.50 4.29 -15.00
C TYR A 600 10.41 3.26 -15.26
N PRO A 601 10.27 2.76 -16.51
CA PRO A 601 9.39 1.62 -16.72
C PRO A 601 10.04 0.39 -16.08
N LEU A 602 9.31 -0.25 -15.19
CA LEU A 602 9.87 -1.24 -14.30
C LEU A 602 9.13 -2.55 -14.51
N PHE A 603 9.91 -3.64 -14.61
CA PHE A 603 9.47 -4.96 -14.95
C PHE A 603 10.11 -5.82 -13.87
N ILE A 604 9.33 -6.60 -13.13
CA ILE A 604 9.94 -7.52 -12.16
C ILE A 604 9.38 -8.97 -12.22
N GLY A 605 10.14 -9.90 -11.67
CA GLY A 605 9.86 -11.31 -11.81
C GLY A 605 10.17 -11.93 -10.49
N TYR A 606 9.15 -12.13 -9.70
CA TYR A 606 9.36 -12.70 -8.39
C TYR A 606 8.81 -14.11 -8.40
N SER A 607 8.04 -14.45 -9.43
CA SER A 607 7.16 -15.64 -9.39
C SER A 607 7.86 -16.98 -9.13
N ARG A 608 7.42 -17.65 -8.05
CA ARG A 608 7.95 -18.97 -7.65
C ARG A 608 9.45 -19.00 -7.40
N LYS A 609 10.02 -17.85 -7.10
CA LYS A 609 11.43 -17.81 -6.79
C LYS A 609 11.63 -18.18 -5.33
N ARG A 610 12.83 -18.66 -5.02
CA ARG A 610 13.20 -19.11 -3.70
C ARG A 610 12.97 -18.12 -2.60
N PHE A 611 13.24 -16.83 -2.85
CA PHE A 611 13.20 -15.85 -1.74
C PHE A 611 11.80 -15.73 -1.10
N ILE A 612 10.76 -16.14 -1.83
CA ILE A 612 9.41 -16.12 -1.30
C ILE A 612 9.23 -17.08 -0.12
N ALA A 613 9.70 -18.33 -0.30
CA ALA A 613 9.71 -19.35 0.76
C ALA A 613 10.48 -18.87 1.98
N HIS A 614 11.59 -18.18 1.75
CA HIS A 614 12.36 -17.58 2.82
C HIS A 614 11.54 -16.69 3.72
N CYS A 615 10.36 -16.27 3.25
CA CYS A 615 9.51 -15.31 3.97
C CYS A 615 8.59 -15.90 5.01
N MET A 616 8.27 -17.21 4.89
CA MET A 616 7.30 -17.91 5.75
C MET A 616 7.89 -18.43 7.06
N ASN A 617 7.03 -18.89 7.97
CA ASN A 617 7.44 -19.53 9.24
C ASN A 617 6.85 -20.93 9.51
N ASP A 618 7.72 -21.88 9.87
CA ASP A 618 7.27 -23.24 10.29
C ASP A 618 8.03 -23.72 11.53
N LYS A 658 3.36 -32.28 0.85
CA LYS A 658 4.54 -31.54 1.32
C LYS A 658 4.99 -30.47 0.32
N ASP A 659 5.41 -30.88 -0.87
CA ASP A 659 5.84 -29.93 -1.91
C ASP A 659 4.67 -29.23 -2.61
N GLN A 660 3.48 -29.84 -2.52
CA GLN A 660 2.24 -29.24 -3.00
C GLN A 660 1.78 -28.14 -2.03
N LEU A 661 2.08 -28.34 -0.75
CA LEU A 661 1.83 -27.35 0.28
C LEU A 661 2.79 -26.18 0.10
N LEU A 662 4.01 -26.48 -0.34
CA LEU A 662 5.04 -25.46 -0.56
C LEU A 662 4.87 -24.74 -1.91
N TYR A 663 4.36 -25.48 -2.90
CA TYR A 663 3.92 -24.97 -4.19
C TYR A 663 2.86 -23.88 -3.99
N GLN A 664 1.89 -24.14 -3.11
CA GLN A 664 0.77 -23.23 -2.89
C GLN A 664 1.16 -21.99 -2.06
N LYS A 665 1.91 -22.21 -0.97
CA LYS A 665 2.46 -21.11 -0.19
C LYS A 665 3.21 -20.12 -1.09
N ASN A 666 3.76 -20.67 -2.16
CA ASN A 666 4.56 -19.96 -3.09
C ASN A 666 3.74 -19.16 -4.06
N ILE A 667 2.72 -19.79 -4.62
CA ILE A 667 1.77 -19.04 -5.42
C ILE A 667 1.21 -17.89 -4.56
N CYS A 668 0.81 -18.21 -3.33
CA CYS A 668 0.16 -17.23 -2.44
C CYS A 668 1.06 -16.10 -1.98
N GLY A 669 2.30 -16.43 -1.60
CA GLY A 669 3.31 -15.41 -1.33
C GLY A 669 3.53 -14.45 -2.50
N GLY A 670 3.45 -14.97 -3.72
CA GLY A 670 3.56 -14.13 -4.90
C GLY A 670 2.37 -13.20 -5.09
N LEU A 671 1.19 -13.63 -4.64
CA LEU A 671 0.03 -12.72 -4.68
C LEU A 671 0.24 -11.54 -3.74
N ALA A 672 0.89 -11.77 -2.59
CA ALA A 672 1.34 -10.63 -1.76
C ALA A 672 2.23 -9.65 -2.52
N ILE A 673 3.23 -10.16 -3.23
CA ILE A 673 4.11 -9.29 -4.01
C ILE A 673 3.35 -8.61 -5.19
N ALA A 674 2.36 -9.29 -5.78
CA ALA A 674 1.43 -8.61 -6.70
C ALA A 674 0.70 -7.42 -6.05
N SER A 675 0.22 -7.60 -4.81
CA SER A 675 -0.42 -6.49 -4.08
C SER A 675 0.57 -5.35 -3.87
N TYR A 676 1.75 -5.70 -3.36
CA TYR A 676 2.78 -4.72 -3.12
C TYR A 676 3.09 -3.99 -4.42
N SER A 677 3.25 -4.77 -5.49
CA SER A 677 3.63 -4.24 -6.80
C SER A 677 2.59 -3.26 -7.30
N TYR A 678 1.34 -3.68 -7.17
CA TYR A 678 0.22 -2.85 -7.52
C TYR A 678 0.28 -1.49 -6.83
N TYR A 679 0.50 -1.48 -5.52
CA TYR A 679 0.59 -0.21 -4.83
C TYR A 679 1.83 0.55 -5.17
N LYS A 680 2.90 -0.15 -5.58
CA LYS A 680 4.14 0.52 -5.86
C LYS A 680 4.12 1.02 -7.28
N LYS A 681 3.05 0.65 -7.98
CA LYS A 681 2.82 1.04 -9.36
C LYS A 681 3.87 0.48 -10.30
N VAL A 682 4.30 -0.74 -10.04
CA VAL A 682 5.20 -1.44 -10.91
C VAL A 682 4.53 -1.62 -12.27
N ASP A 683 5.21 -1.27 -13.35
CA ASP A 683 4.61 -1.41 -14.68
C ASP A 683 4.37 -2.81 -15.20
N LEU A 684 5.28 -3.74 -15.02
CA LEU A 684 5.04 -5.13 -15.44
C LEU A 684 5.49 -6.13 -14.38
N ILE A 685 4.74 -7.20 -14.25
CA ILE A 685 5.08 -8.31 -13.38
C ILE A 685 4.95 -9.60 -14.14
N ARG A 686 6.05 -10.35 -14.10
CA ARG A 686 6.23 -11.60 -14.81
C ARG A 686 5.85 -12.81 -13.91
N VAL A 687 4.75 -13.49 -14.25
CA VAL A 687 4.15 -14.45 -13.32
C VAL A 687 3.75 -15.76 -14.07
N HIS A 688 3.79 -16.90 -13.36
CA HIS A 688 3.17 -18.16 -13.84
C HIS A 688 1.70 -18.19 -13.68
N ASP A 689 1.20 -17.65 -12.57
CA ASP A 689 -0.21 -17.83 -12.20
C ASP A 689 -1.01 -16.60 -12.62
N VAL A 690 -1.44 -16.62 -13.87
CA VAL A 690 -2.12 -15.47 -14.48
C VAL A 690 -3.48 -15.23 -13.87
N LEU A 691 -4.30 -16.26 -13.78
CA LEU A 691 -5.67 -16.12 -13.27
C LEU A 691 -5.65 -15.51 -11.89
N GLU A 692 -4.84 -16.11 -11.01
CA GLU A 692 -4.76 -15.69 -9.64
C GLU A 692 -4.29 -14.23 -9.56
N THR A 693 -3.30 -13.87 -10.36
CA THR A 693 -2.74 -12.53 -10.32
C THR A 693 -3.78 -11.51 -10.77
N LYS A 694 -4.53 -11.84 -11.82
CA LYS A 694 -5.59 -10.96 -12.36
C LYS A 694 -6.70 -10.72 -11.34
N SER A 695 -7.12 -11.77 -10.65
CA SER A 695 -8.08 -11.65 -9.57
C SER A 695 -7.64 -10.66 -8.51
N VAL A 696 -6.37 -10.72 -8.14
CA VAL A 696 -5.86 -9.83 -7.12
C VAL A 696 -5.91 -8.43 -7.66
N LEU A 697 -5.40 -8.20 -8.86
CA LEU A 697 -5.28 -6.81 -9.35
C LEU A 697 -6.64 -6.20 -9.60
N ASP A 698 -7.60 -7.02 -10.05
CA ASP A 698 -8.97 -6.57 -10.25
C ASP A 698 -9.60 -6.13 -8.93
N VAL A 699 -9.43 -6.94 -7.89
CA VAL A 699 -10.00 -6.53 -6.63
C VAL A 699 -9.41 -5.20 -6.16
N LEU A 700 -8.09 -5.07 -6.21
CA LEU A 700 -7.43 -3.91 -5.64
C LEU A 700 -7.75 -2.65 -6.44
N THR A 701 -7.95 -2.85 -7.75
CA THR A 701 -8.38 -1.78 -8.66
C THR A 701 -9.81 -1.31 -8.28
N LYS A 702 -10.70 -2.23 -7.97
CA LYS A 702 -12.06 -1.93 -7.58
C LYS A 702 -12.05 -1.14 -6.27
N ILE A 703 -11.30 -1.61 -5.28
CA ILE A 703 -11.19 -0.84 -4.04
C ILE A 703 -10.74 0.61 -4.24
N ASP A 704 -9.90 0.84 -5.27
CA ASP A 704 -9.38 2.18 -5.54
C ASP A 704 -10.31 3.08 -6.33
N GLN A 705 -11.24 2.50 -7.08
CA GLN A 705 -12.11 3.26 -7.96
C GLN A 705 -13.28 3.89 -7.15
N VAL A 706 -13.21 5.20 -6.90
CA VAL A 706 -14.34 5.83 -6.22
C VAL A 706 -15.51 6.12 -7.19
N LYS A 707 -16.70 5.61 -6.82
CA LYS A 707 -17.92 5.69 -7.63
C LYS A 707 -18.69 7.00 -7.49
N ASP A 708 -19.19 7.49 -8.62
CA ASP A 708 -19.93 8.76 -8.69
C ASP A 708 -21.43 8.53 -8.89
N LEU B 9 -20.27 8.78 58.14
CA LEU B 9 -20.57 7.35 58.49
C LEU B 9 -22.04 7.11 58.86
N SER B 10 -22.68 8.10 59.48
CA SER B 10 -24.06 7.95 59.94
C SER B 10 -25.09 7.94 58.79
N GLU B 11 -24.89 8.79 57.79
CA GLU B 11 -25.79 8.87 56.63
C GLU B 11 -25.89 7.54 55.88
N GLU B 12 -27.09 7.23 55.38
CA GLU B 12 -27.36 5.94 54.73
C GLU B 12 -28.17 6.07 53.43
N ASN B 13 -27.91 5.14 52.50
CA ASN B 13 -28.70 4.96 51.27
C ASN B 13 -28.56 6.08 50.24
N LYS B 14 -27.31 6.39 49.87
CA LYS B 14 -27.02 7.38 48.82
C LYS B 14 -26.18 6.76 47.70
N THR B 15 -26.33 7.29 46.49
CA THR B 15 -25.55 6.81 45.33
C THR B 15 -24.67 7.92 44.71
N ASN B 16 -23.39 7.62 44.56
CA ASN B 16 -22.42 8.59 44.06
C ASN B 16 -21.69 8.15 42.77
N ILE B 17 -21.29 9.15 41.98
CA ILE B 17 -20.45 8.95 40.80
C ILE B 17 -18.96 9.29 41.02
N ALA B 18 -18.12 8.27 40.91
CA ALA B 18 -16.67 8.39 41.08
C ALA B 18 -15.84 7.81 39.91
N VAL B 19 -14.86 8.59 39.45
CA VAL B 19 -13.89 8.15 38.44
C VAL B 19 -12.57 7.66 39.09
N LEU B 20 -12.20 6.41 38.81
CA LEU B 20 -10.97 5.81 39.31
C LEU B 20 -9.93 5.60 38.20
N ASN B 21 -8.71 5.28 38.61
CA ASN B 21 -7.62 4.94 37.71
C ASN B 21 -6.95 3.69 38.24
N LEU B 22 -6.62 2.77 37.36
CA LEU B 22 -6.02 1.53 37.78
C LEU B 22 -4.72 1.34 37.02
N GLY B 23 -3.66 0.97 37.74
CA GLY B 23 -2.30 0.87 37.18
C GLY B 23 -1.54 -0.34 37.65
N THR B 24 -0.64 -0.84 36.81
CA THR B 24 0.25 -1.94 37.17
C THR B 24 1.53 -1.85 36.33
N ASN B 25 2.53 -2.67 36.66
CA ASN B 25 3.81 -2.68 35.94
C ASN B 25 4.08 -4.03 35.30
N ASP B 26 3.43 -5.05 35.83
CA ASP B 26 3.54 -6.39 35.31
C ASP B 26 2.87 -6.45 33.92
N ARG B 27 3.69 -6.32 32.88
CA ARG B 27 3.23 -6.49 31.49
C ARG B 27 2.59 -7.86 31.32
N ARG B 28 3.29 -8.89 31.79
CA ARG B 28 2.84 -10.27 31.65
C ARG B 28 1.43 -10.46 32.15
N ASN B 29 1.08 -9.78 33.24
CA ASN B 29 -0.19 -10.02 33.92
C ASN B 29 -1.08 -8.81 34.08
N ALA B 30 -0.82 -7.75 33.31
CA ALA B 30 -1.61 -6.51 33.39
C ALA B 30 -3.10 -6.79 33.26
N VAL B 31 -3.45 -7.68 32.33
CA VAL B 31 -4.85 -8.02 32.06
C VAL B 31 -5.49 -8.67 33.29
N LEU B 32 -4.89 -9.76 33.76
CA LEU B 32 -5.32 -10.48 34.98
C LEU B 32 -5.40 -9.59 36.23
N ILE B 33 -4.42 -8.72 36.41
CA ILE B 33 -4.36 -7.82 37.57
C ILE B 33 -5.40 -6.72 37.53
N LEU B 34 -5.50 -6.00 36.41
CA LEU B 34 -6.52 -4.94 36.28
C LEU B 34 -7.95 -5.53 36.26
N GLU B 35 -8.08 -6.72 35.68
CA GLU B 35 -9.39 -7.38 35.63
C GLU B 35 -9.88 -7.89 36.99
N THR B 36 -8.93 -8.37 37.81
CA THR B 36 -9.20 -8.70 39.22
C THR B 36 -9.62 -7.46 39.99
N ALA B 37 -8.80 -6.42 39.92
CA ALA B 37 -9.14 -5.12 40.49
C ALA B 37 -10.58 -4.74 40.15
N LEU B 38 -10.89 -4.65 38.85
CA LEU B 38 -12.25 -4.43 38.38
C LEU B 38 -13.30 -5.27 39.09
N HIS B 39 -13.10 -6.59 39.12
CA HIS B 39 -14.03 -7.52 39.80
C HIS B 39 -14.30 -7.09 41.21
N LEU B 40 -13.24 -6.63 41.89
CA LEU B 40 -13.31 -6.23 43.29
C LEU B 40 -13.95 -4.87 43.45
N VAL B 41 -13.70 -3.97 42.50
CA VAL B 41 -14.40 -2.69 42.47
C VAL B 41 -15.91 -2.93 42.33
N GLU B 42 -16.28 -3.89 41.48
CA GLU B 42 -17.68 -4.19 41.18
C GLU B 42 -18.33 -4.92 42.35
N LYS B 43 -17.52 -5.64 43.13
CA LYS B 43 -18.02 -6.32 44.32
C LYS B 43 -18.19 -5.35 45.47
N TYR B 44 -17.13 -4.58 45.74
CA TYR B 44 -17.04 -3.77 46.95
C TYR B 44 -17.37 -2.28 46.86
N LEU B 45 -17.70 -1.76 45.66
CA LEU B 45 -17.91 -0.30 45.51
C LEU B 45 -19.13 0.15 44.73
N GLY B 46 -19.72 -0.77 43.96
CA GLY B 46 -20.93 -0.43 43.17
C GLY B 46 -20.94 -1.04 41.79
N LYS B 47 -21.44 -0.28 40.83
CA LYS B 47 -21.50 -0.74 39.45
C LYS B 47 -20.57 0.07 38.53
N ILE B 48 -19.67 -0.65 37.84
CA ILE B 48 -18.85 -0.04 36.78
C ILE B 48 -19.75 0.26 35.59
N ILE B 49 -19.82 1.55 35.23
CA ILE B 49 -20.70 2.00 34.16
C ILE B 49 -19.96 2.73 33.03
N ASN B 50 -18.61 2.72 33.08
CA ASN B 50 -17.76 3.19 32.00
C ASN B 50 -16.34 2.67 32.19
N THR B 51 -15.62 2.50 31.09
CA THR B 51 -14.21 2.15 31.09
C THR B 51 -13.53 2.82 29.89
N SER B 52 -12.20 2.89 29.95
CA SER B 52 -11.40 3.45 28.88
C SER B 52 -10.79 2.25 28.20
N TYR B 53 -9.99 2.48 27.15
CA TYR B 53 -9.13 1.43 26.66
C TYR B 53 -8.02 1.16 27.71
N LEU B 54 -7.35 0.05 27.58
CA LEU B 54 -6.15 -0.19 28.33
C LEU B 54 -5.03 0.50 27.54
N TYR B 55 -4.14 1.22 28.23
CA TYR B 55 -2.97 1.80 27.56
C TYR B 55 -1.63 1.33 28.15
N GLU B 56 -0.63 1.10 27.29
CA GLU B 56 0.74 0.90 27.75
C GLU B 56 1.48 2.21 27.64
N THR B 57 1.97 2.69 28.79
CA THR B 57 2.54 4.02 28.93
C THR B 57 3.96 4.02 29.48
N VAL B 58 4.85 4.73 28.78
CA VAL B 58 6.12 5.15 29.37
C VAL B 58 5.94 6.58 29.94
N PRO B 59 6.54 6.86 31.12
CA PRO B 59 6.51 8.20 31.72
C PRO B 59 7.27 9.23 30.89
N VAL B 82 2.11 -14.35 41.64
CA VAL B 82 1.73 -14.90 40.34
C VAL B 82 0.43 -15.73 40.43
N ASN B 83 0.50 -16.91 41.07
CA ASN B 83 -0.66 -17.81 41.24
C ASN B 83 -1.46 -17.54 42.53
N TYR B 84 -1.20 -16.38 43.10
CA TYR B 84 -1.84 -15.90 44.31
C TYR B 84 -3.34 -15.66 44.08
N ILE B 85 -3.67 -15.18 42.89
CA ILE B 85 -4.99 -14.62 42.58
C ILE B 85 -6.10 -15.65 42.42
N ASN B 86 -5.77 -16.83 41.88
CA ASN B 86 -6.76 -17.87 41.63
C ASN B 86 -7.45 -18.36 42.90
N GLU B 87 -6.65 -18.65 43.93
CA GLU B 87 -7.17 -19.12 45.22
C GLU B 87 -7.70 -17.99 46.10
N LEU B 88 -7.37 -16.75 45.75
CA LEU B 88 -7.92 -15.57 46.41
C LEU B 88 -9.39 -15.40 46.04
N MET B 89 -9.72 -15.67 44.77
CA MET B 89 -11.07 -15.56 44.23
C MET B 89 -12.11 -16.43 44.93
N GLN B 90 -11.65 -17.51 45.55
CA GLN B 90 -12.51 -18.44 46.28
C GLN B 90 -12.90 -17.88 47.66
N ASN B 91 -11.91 -17.42 48.43
CA ASN B 91 -12.14 -16.95 49.80
C ASN B 91 -12.16 -15.42 49.93
N LEU B 92 -13.25 -14.82 49.47
CA LEU B 92 -13.43 -13.39 49.60
C LEU B 92 -14.58 -13.10 50.56
N GLU B 93 -14.47 -12.00 51.28
CA GLU B 93 -15.56 -11.57 52.15
C GLU B 93 -16.71 -11.05 51.29
N GLU B 94 -17.93 -11.14 51.79
CA GLU B 94 -19.10 -10.72 51.02
C GLU B 94 -19.32 -9.22 51.12
N SER B 95 -20.13 -8.68 50.21
CA SER B 95 -20.50 -7.27 50.24
C SER B 95 -21.83 -7.07 50.96
N LYS B 96 -22.02 -5.90 51.55
CA LYS B 96 -23.24 -5.59 52.30
C LYS B 96 -24.42 -5.15 51.41
N TYR B 97 -24.10 -4.72 50.20
CA TYR B 97 -25.12 -4.39 49.20
C TYR B 97 -25.17 -5.52 48.18
N GLU B 98 -26.34 -5.71 47.57
CA GLU B 98 -26.52 -6.81 46.63
C GLU B 98 -25.98 -6.46 45.24
N GLU B 99 -25.26 -7.42 44.65
CA GLU B 99 -24.79 -7.31 43.27
C GLU B 99 -26.01 -7.21 42.36
N ASN B 100 -25.97 -6.30 41.40
CA ASN B 100 -27.10 -6.08 40.51
C ASN B 100 -26.72 -6.24 39.02
N LYS B 101 -26.82 -7.47 38.53
CA LYS B 101 -26.41 -7.81 37.15
C LYS B 101 -27.41 -7.39 36.07
N GLU B 102 -28.62 -7.02 36.47
CA GLU B 102 -29.66 -6.48 35.59
C GLU B 102 -29.09 -5.43 34.61
N LEU B 103 -29.60 -5.44 33.38
CA LEU B 103 -29.17 -4.48 32.36
C LEU B 103 -29.88 -3.15 32.55
N ILE B 104 -29.16 -2.06 32.28
CA ILE B 104 -29.73 -0.72 32.26
C ILE B 104 -29.44 -0.06 30.92
N ASP B 105 -30.15 1.02 30.61
CA ASP B 105 -29.93 1.70 29.33
C ASP B 105 -29.69 3.20 29.49
N LYS B 106 -29.93 3.71 30.69
CA LYS B 106 -29.51 5.05 31.07
C LYS B 106 -29.16 5.04 32.54
N CYS B 107 -28.59 6.14 33.00
CA CYS B 107 -28.25 6.28 34.40
C CYS B 107 -28.30 7.75 34.68
N GLU B 108 -29.37 8.19 35.34
CA GLU B 108 -29.70 9.61 35.50
C GLU B 108 -28.59 10.33 36.25
N GLU B 109 -28.15 9.69 37.34
CA GLU B 109 -27.09 10.24 38.17
C GLU B 109 -25.86 10.54 37.32
N TYR B 110 -25.31 9.50 36.68
CA TYR B 110 -24.21 9.67 35.75
C TYR B 110 -24.47 10.77 34.72
N GLU B 111 -25.70 10.90 34.24
CA GLU B 111 -26.05 11.97 33.32
C GLU B 111 -25.90 13.32 33.99
N THR B 112 -26.19 13.34 35.29
CA THR B 112 -26.13 14.52 36.16
C THR B 112 -24.68 14.85 36.52
N PHE B 113 -23.89 13.81 36.79
CA PHE B 113 -22.44 13.97 36.96
C PHE B 113 -21.77 14.66 35.75
N LEU B 114 -22.10 14.21 34.54
CA LEU B 114 -21.51 14.71 33.30
C LEU B 114 -21.81 16.18 33.03
N LYS B 115 -23.04 16.61 33.30
CA LYS B 115 -23.46 17.98 33.01
C LYS B 115 -23.21 18.96 34.18
N ASN B 116 -22.73 18.42 35.29
CA ASN B 116 -22.49 19.19 36.52
C ASN B 116 -23.74 19.87 37.07
N GLY B 117 -24.74 19.05 37.38
CA GLY B 117 -26.02 19.52 37.91
C GLY B 117 -26.08 19.40 39.42
N LYS B 118 -27.10 20.04 40.01
CA LYS B 118 -27.30 20.05 41.45
C LYS B 118 -27.19 18.64 42.05
N VAL B 119 -26.28 18.50 43.00
CA VAL B 119 -26.05 17.25 43.72
C VAL B 119 -25.98 17.60 45.22
N ASP B 120 -26.14 16.60 46.08
CA ASP B 120 -25.96 16.76 47.53
C ASP B 120 -24.67 17.50 47.88
N ASN B 121 -24.64 18.15 49.04
CA ASN B 121 -23.41 18.78 49.51
C ASN B 121 -22.46 17.78 50.15
N SER B 122 -21.15 18.02 49.97
CA SER B 122 -20.10 17.11 50.41
C SER B 122 -19.99 16.98 51.93
N ILE B 123 -20.09 15.75 52.43
CA ILE B 123 -19.97 15.49 53.88
C ILE B 123 -18.55 15.84 54.39
N LEU B 124 -17.53 15.56 53.58
CA LEU B 124 -16.16 16.01 53.87
C LEU B 124 -15.98 17.47 53.48
N LYS B 125 -14.90 18.08 53.96
CA LYS B 125 -14.69 19.52 53.82
C LYS B 125 -14.04 19.90 52.50
N GLU B 126 -14.74 20.75 51.75
CA GLU B 126 -14.26 21.26 50.46
C GLU B 126 -13.32 22.45 50.61
N VAL B 127 -12.12 22.36 50.02
CA VAL B 127 -11.25 23.53 49.78
C VAL B 127 -11.76 24.28 48.55
N ASN B 128 -11.55 25.59 48.49
CA ASN B 128 -11.91 26.36 47.28
C ASN B 128 -10.90 26.14 46.13
N VAL B 129 -11.10 26.83 45.02
CA VAL B 129 -10.33 26.59 43.79
C VAL B 129 -8.82 26.92 43.89
N GLU B 130 -8.50 28.15 44.31
CA GLU B 130 -7.11 28.64 44.40
C GLU B 130 -6.27 27.84 45.40
N ASN B 131 -6.86 27.59 46.57
CA ASN B 131 -6.24 26.77 47.61
C ASN B 131 -5.98 25.34 47.15
N TYR B 132 -6.92 24.79 46.38
CA TYR B 132 -6.75 23.48 45.73
C TYR B 132 -5.58 23.54 44.73
N LEU B 133 -5.64 24.54 43.85
CA LEU B 133 -4.62 24.71 42.81
C LEU B 133 -3.22 24.76 43.40
N LEU B 134 -3.08 25.47 44.51
CA LEU B 134 -1.75 25.67 45.10
C LEU B 134 -1.33 24.55 46.02
N GLU B 135 -2.30 23.88 46.64
CA GLU B 135 -2.02 22.65 47.37
C GLU B 135 -1.52 21.53 46.44
N CYS B 136 -2.05 21.50 45.21
CA CYS B 136 -1.62 20.56 44.18
C CYS B 136 -0.18 20.81 43.69
N ASN B 137 0.07 22.01 43.18
CA ASN B 137 1.42 22.41 42.70
C ASN B 137 2.54 22.03 43.69
N ASN B 138 2.31 22.34 44.97
CA ASN B 138 3.18 21.92 46.06
C ASN B 138 3.57 20.44 46.02
N ILE B 139 2.59 19.55 45.94
CA ILE B 139 2.84 18.10 45.90
C ILE B 139 3.58 17.69 44.63
N ILE B 140 3.24 18.36 43.51
CA ILE B 140 3.89 18.16 42.22
C ILE B 140 5.36 18.61 42.28
N VAL B 141 5.59 19.78 42.88
CA VAL B 141 6.92 20.38 42.99
C VAL B 141 7.84 19.57 43.92
N LYS B 142 7.34 19.22 45.10
CA LYS B 142 8.08 18.37 46.04
C LYS B 142 8.45 17.00 45.45
N ASN B 143 7.62 16.50 44.53
CA ASN B 143 7.90 15.27 43.81
C ASN B 143 8.94 15.40 42.69
N ASP B 144 8.91 16.54 41.98
CA ASP B 144 9.96 16.89 41.01
C ASP B 144 11.35 16.72 41.62
N GLU B 145 11.50 17.20 42.85
CA GLU B 145 12.77 17.20 43.58
C GLU B 145 13.09 15.87 44.24
N ILE B 146 12.10 15.28 44.91
CA ILE B 146 12.29 14.08 45.75
C ILE B 146 12.91 12.86 45.05
N MET B 147 13.03 12.93 43.72
CA MET B 147 13.54 11.80 42.94
C MET B 147 15.06 11.68 42.98
N LYS B 148 15.75 12.81 42.91
CA LYS B 148 17.22 12.84 42.87
C LYS B 148 17.86 12.40 44.19
N TYR B 162 7.50 0.93 32.04
CA TYR B 162 6.23 0.56 31.42
C TYR B 162 5.06 0.54 32.39
N PHE B 163 4.04 1.36 32.10
CA PHE B 163 2.79 1.38 32.85
C PHE B 163 1.60 0.89 32.03
N TYR B 164 0.68 0.20 32.69
CA TYR B 164 -0.56 -0.25 32.09
C TYR B 164 -1.73 0.35 32.84
N ASN B 165 -2.48 1.20 32.15
CA ASN B 165 -3.56 1.97 32.74
C ASN B 165 -4.94 1.66 32.20
N LEU B 166 -5.92 2.07 32.99
CA LEU B 166 -7.29 1.70 32.77
C LEU B 166 -8.08 2.56 33.73
N THR B 167 -8.91 3.45 33.20
CA THR B 167 -9.85 4.19 34.05
C THR B 167 -11.22 3.53 34.06
N VAL B 168 -12.04 3.92 35.02
CA VAL B 168 -13.33 3.31 35.27
C VAL B 168 -14.24 4.34 35.89
N VAL B 169 -15.52 4.29 35.54
CA VAL B 169 -16.49 5.08 36.26
C VAL B 169 -17.36 4.14 37.09
N VAL B 170 -17.59 4.53 38.35
CA VAL B 170 -18.35 3.72 39.30
C VAL B 170 -19.58 4.46 39.81
N LYS B 171 -20.74 3.83 39.69
CA LYS B 171 -21.91 4.27 40.46
C LYS B 171 -21.74 3.62 41.81
N THR B 172 -21.41 4.43 42.81
CA THR B 172 -20.90 3.92 44.08
C THR B 172 -21.85 4.12 45.26
N PHE B 173 -22.06 3.04 46.02
CA PHE B 173 -22.89 3.15 47.20
C PHE B 173 -22.17 3.93 48.30
N VAL B 174 -20.88 3.66 48.47
CA VAL B 174 -19.99 4.43 49.37
C VAL B 174 -20.23 5.95 49.43
N ASN B 175 -20.12 6.49 50.65
CA ASN B 175 -20.63 7.83 50.96
C ASN B 175 -19.75 9.03 50.64
N ASP B 176 -18.43 8.82 50.63
CA ASP B 176 -17.49 9.93 50.51
C ASP B 176 -16.17 9.42 49.96
N PRO B 177 -15.40 10.32 49.30
CA PRO B 177 -14.10 9.96 48.73
C PRO B 177 -13.20 9.18 49.69
N LEU B 178 -13.16 9.58 50.96
CA LEU B 178 -12.20 9.05 51.93
C LEU B 178 -12.52 7.62 52.34
N SER B 179 -13.81 7.32 52.45
CA SER B 179 -14.23 5.96 52.75
C SER B 179 -13.87 5.05 51.58
N MET B 180 -14.21 5.48 50.36
CA MET B 180 -13.85 4.71 49.15
C MET B 180 -12.35 4.42 49.13
N LEU B 181 -11.57 5.47 49.41
CA LEU B 181 -10.12 5.32 49.54
C LEU B 181 -9.73 4.24 50.56
N VAL B 182 -10.44 4.17 51.68
CA VAL B 182 -10.17 3.13 52.69
C VAL B 182 -10.45 1.75 52.11
N VAL B 183 -11.62 1.58 51.49
CA VAL B 183 -11.96 0.33 50.79
C VAL B 183 -10.98 0.00 49.65
N ILE B 184 -10.56 1.04 48.93
CA ILE B 184 -9.64 0.87 47.82
C ILE B 184 -8.31 0.34 48.33
N LYS B 185 -7.84 0.91 49.44
CA LYS B 185 -6.59 0.50 50.06
C LYS B 185 -6.65 -0.94 50.58
N TYR B 186 -7.84 -1.33 51.03
CA TYR B 186 -8.13 -2.72 51.40
C TYR B 186 -8.00 -3.65 50.19
N ILE B 187 -8.60 -3.26 49.07
CA ILE B 187 -8.54 -4.03 47.83
C ILE B 187 -7.07 -4.24 47.39
N GLU B 188 -6.29 -3.17 47.37
CA GLU B 188 -4.88 -3.26 46.97
C GLU B 188 -4.16 -4.29 47.84
N GLU B 189 -4.27 -4.12 49.16
CA GLU B 189 -3.59 -5.00 50.12
C GLU B 189 -4.15 -6.42 50.04
N LEU B 190 -5.43 -6.52 49.70
CA LEU B 190 -6.08 -7.79 49.49
C LEU B 190 -5.46 -8.51 48.28
N MET B 191 -4.85 -7.73 47.40
CA MET B 191 -4.20 -8.26 46.20
C MET B 191 -2.67 -8.47 46.38
N LYS B 192 -2.10 -7.88 47.43
CA LYS B 192 -0.68 -8.09 47.77
C LYS B 192 -0.47 -9.34 48.62
N ARG B 205 5.36 -1.81 42.22
CA ARG B 205 4.17 -2.30 42.90
C ARG B 205 3.21 -3.05 41.96
N ILE B 206 2.29 -3.85 42.52
CA ILE B 206 1.44 -4.74 41.73
C ILE B 206 0.10 -4.14 41.24
N ILE B 207 -0.49 -3.23 42.04
CA ILE B 207 -1.75 -2.55 41.66
C ILE B 207 -1.92 -1.24 42.40
N ASP B 208 -2.07 -0.15 41.65
CA ASP B 208 -2.35 1.18 42.19
C ASP B 208 -3.73 1.66 41.70
N ILE B 209 -4.56 2.13 42.63
CA ILE B 209 -5.95 2.50 42.33
C ILE B 209 -6.26 3.87 42.90
N ASP B 210 -6.19 4.90 42.06
CA ASP B 210 -6.36 6.27 42.53
C ASP B 210 -7.77 6.72 42.29
N ILE B 211 -8.17 7.76 42.99
CA ILE B 211 -9.50 8.30 42.82
C ILE B 211 -9.38 9.62 42.10
N LEU B 212 -9.91 9.69 40.88
CA LEU B 212 -9.72 10.88 40.06
C LEU B 212 -10.79 11.91 40.28
N PHE B 213 -12.01 11.47 40.57
CA PHE B 213 -13.13 12.37 40.85
C PHE B 213 -14.13 11.71 41.79
N PHE B 214 -14.90 12.54 42.47
CA PHE B 214 -16.08 12.12 43.24
C PHE B 214 -17.09 13.23 43.08
N ASN B 215 -18.15 12.97 42.31
CA ASN B 215 -19.13 13.98 41.94
C ASN B 215 -18.37 15.26 41.55
N ASP B 216 -18.93 16.42 41.83
CA ASP B 216 -18.29 17.66 41.45
C ASP B 216 -17.36 18.22 42.54
N PHE B 217 -16.95 17.36 43.47
CA PHE B 217 -16.25 17.82 44.68
C PHE B 217 -14.85 18.37 44.41
N THR B 218 -14.52 19.44 45.13
CA THR B 218 -13.19 20.04 45.13
C THR B 218 -12.62 19.97 46.55
N ILE B 219 -11.80 18.94 46.81
CA ILE B 219 -11.39 18.56 48.16
C ILE B 219 -9.87 18.48 48.33
N PHE B 220 -9.36 19.00 49.45
CA PHE B 220 -7.99 18.72 49.89
C PHE B 220 -7.89 18.59 51.41
N MET B 221 -7.49 17.40 51.85
CA MET B 221 -7.30 17.09 53.25
C MET B 221 -5.82 16.91 53.57
N LYS B 222 -5.31 17.80 54.41
CA LYS B 222 -3.88 17.97 54.62
C LYS B 222 -3.20 16.86 55.44
N ASN B 223 -3.79 16.51 56.58
CA ASN B 223 -3.16 15.59 57.52
C ASN B 223 -4.15 14.55 58.00
N ILE B 224 -3.74 13.28 57.94
CA ILE B 224 -4.67 12.19 58.19
C ILE B 224 -4.08 11.06 59.05
N LYS B 225 -4.60 10.97 60.27
CA LYS B 225 -4.41 9.80 61.13
C LYS B 225 -5.75 9.11 61.26
N LEU B 226 -5.75 7.82 60.95
CA LEU B 226 -6.95 7.01 61.11
C LEU B 226 -6.67 5.92 62.11
N GLU B 227 -7.52 5.84 63.12
CA GLU B 227 -7.37 4.88 64.21
C GLU B 227 -7.48 3.47 63.66
N LYS B 228 -6.60 2.58 64.12
CA LYS B 228 -6.60 1.16 63.74
C LYS B 228 -8.01 0.53 63.78
N ASN B 229 -8.95 1.24 64.40
CA ASN B 229 -10.33 0.78 64.58
C ASN B 229 -11.36 1.66 63.87
N MET B 230 -11.02 2.93 63.62
CA MET B 230 -11.87 3.85 62.87
C MET B 230 -11.96 3.42 61.40
N ILE B 231 -10.87 2.87 60.90
CA ILE B 231 -10.82 2.20 59.61
C ILE B 231 -11.80 1.01 59.59
N TYR B 232 -11.78 0.20 60.66
CA TYR B 232 -12.62 -1.00 60.77
C TYR B 232 -14.13 -0.73 60.61
N LYS B 233 -14.62 0.33 61.23
CA LYS B 233 -16.05 0.63 61.23
C LYS B 233 -16.53 1.05 59.85
N ILE B 234 -15.67 1.74 59.12
CA ILE B 234 -15.90 2.12 57.71
C ILE B 234 -15.93 0.88 56.83
N LEU B 235 -14.89 0.05 56.97
CA LEU B 235 -14.73 -1.18 56.22
C LEU B 235 -15.81 -2.22 56.50
N SER B 236 -16.43 -2.17 57.68
CA SER B 236 -17.55 -3.07 58.02
C SER B 236 -18.91 -2.47 57.66
N LYS B 237 -18.94 -1.19 57.31
CA LYS B 237 -20.15 -0.56 56.80
C LYS B 237 -20.52 -1.13 55.41
N TYR B 238 -19.58 -1.84 54.79
CA TYR B 238 -19.70 -2.24 53.40
C TYR B 238 -19.34 -3.70 53.19
N ILE B 239 -18.61 -4.27 54.14
CA ILE B 239 -18.15 -5.67 54.06
C ILE B 239 -18.43 -6.44 55.37
N HIS B 240 -18.52 -7.77 55.27
CA HIS B 240 -18.50 -8.64 56.43
C HIS B 240 -17.07 -8.98 56.76
N LEU B 241 -16.46 -8.21 57.66
CA LEU B 241 -15.05 -8.37 57.98
C LEU B 241 -14.67 -9.64 58.75
N GLU B 242 -13.75 -10.41 58.18
CA GLU B 242 -13.30 -11.69 58.75
C GLU B 242 -11.78 -11.85 58.66
N GLU B 304 -5.63 -8.16 60.81
CA GLU B 304 -4.32 -8.45 60.24
C GLU B 304 -3.91 -7.44 59.19
N ILE B 305 -4.84 -7.12 58.28
CA ILE B 305 -4.56 -6.30 57.10
C ILE B 305 -4.61 -4.81 57.42
N ILE B 306 -5.52 -4.42 58.32
CA ILE B 306 -5.64 -3.03 58.77
C ILE B 306 -4.33 -2.53 59.37
N ASN B 307 -3.60 -3.43 60.03
CA ASN B 307 -2.28 -3.13 60.59
C ASN B 307 -1.36 -2.47 59.56
N ASN B 308 -1.26 -3.11 58.39
CA ASN B 308 -0.43 -2.64 57.28
C ASN B 308 -0.93 -1.32 56.70
N MET B 309 -2.24 -1.11 56.79
CA MET B 309 -2.96 -0.05 56.10
C MET B 309 -2.80 1.36 56.69
N VAL B 310 -2.41 1.44 57.96
CA VAL B 310 -2.59 2.67 58.75
C VAL B 310 -2.02 3.96 58.14
N ASP B 311 -0.68 4.05 58.07
CA ASP B 311 -0.02 5.26 57.58
C ASP B 311 -0.19 5.44 56.07
N ASN B 312 -0.38 4.33 55.36
CA ASN B 312 -0.55 4.34 53.90
C ASN B 312 -1.35 5.56 53.41
N ILE B 313 -2.53 5.76 53.97
CA ILE B 313 -3.37 6.92 53.64
C ILE B 313 -2.87 8.18 54.35
N GLU B 314 -2.13 9.01 53.61
CA GLU B 314 -1.52 10.20 54.20
C GLU B 314 -2.40 11.43 54.01
N PHE B 315 -2.84 11.66 52.77
CA PHE B 315 -3.70 12.81 52.45
C PHE B 315 -4.82 12.43 51.49
N LEU B 316 -5.62 13.40 51.05
CA LEU B 316 -6.67 13.19 50.04
C LEU B 316 -6.89 14.38 49.11
N SER B 317 -6.67 14.16 47.81
CA SER B 317 -6.94 15.18 46.80
C SER B 317 -7.99 14.74 45.78
N ILE B 318 -9.03 15.56 45.61
CA ILE B 318 -10.10 15.40 44.61
C ILE B 318 -10.37 16.76 43.91
N PRO B 319 -10.13 16.83 42.58
CA PRO B 319 -9.54 15.79 41.72
C PRO B 319 -8.14 15.36 42.18
N HIS B 320 -7.78 14.12 41.92
CA HIS B 320 -6.41 13.64 42.10
C HIS B 320 -5.45 14.67 41.54
N VAL B 321 -4.21 14.64 42.02
CA VAL B 321 -3.26 15.73 41.76
C VAL B 321 -2.76 15.68 40.32
N TYR B 322 -2.48 14.46 39.86
CA TYR B 322 -1.86 14.24 38.55
C TYR B 322 -2.87 14.18 37.39
N THR B 323 -4.11 14.53 37.71
CA THR B 323 -5.24 14.47 36.78
C THR B 323 -5.00 15.14 35.42
N THR B 324 -4.40 16.34 35.43
CA THR B 324 -4.12 17.05 34.19
C THR B 324 -2.62 17.16 33.87
N HIS B 325 -1.79 16.42 34.59
CA HIS B 325 -0.33 16.53 34.46
C HIS B 325 0.23 15.31 33.80
N ARG B 326 -0.34 14.16 34.13
CA ARG B 326 -0.01 12.90 33.50
C ARG B 326 -0.80 12.68 32.20
N TYR B 327 -0.09 12.59 31.08
CA TYR B 327 -0.73 12.29 29.80
C TYR B 327 -1.60 11.05 29.91
N SER B 328 -1.10 10.02 30.59
CA SER B 328 -1.75 8.72 30.66
C SER B 328 -3.05 8.72 31.47
N ILE B 329 -3.35 9.83 32.15
CA ILE B 329 -4.65 10.00 32.81
C ILE B 329 -5.60 10.67 31.82
N LEU B 330 -5.13 11.72 31.17
CA LEU B 330 -5.90 12.38 30.15
C LEU B 330 -6.35 11.41 29.03
N LEU B 331 -5.37 10.74 28.42
CA LEU B 331 -5.59 9.70 27.44
C LEU B 331 -6.78 8.80 27.80
N CYS B 332 -6.70 8.17 28.98
CA CYS B 332 -7.76 7.30 29.51
C CYS B 332 -9.11 8.01 29.70
N LEU B 333 -9.07 9.22 30.25
CA LEU B 333 -10.29 9.98 30.49
C LEU B 333 -10.95 10.45 29.19
N ASN B 334 -10.13 10.70 28.17
CA ASN B 334 -10.63 11.16 26.88
C ASN B 334 -11.52 10.10 26.18
N ASP B 335 -11.30 8.83 26.51
CA ASP B 335 -12.15 7.74 26.05
C ASP B 335 -13.55 7.81 26.59
N MET B 336 -13.68 8.30 27.82
CA MET B 336 -14.90 8.07 28.62
C MET B 336 -15.73 9.33 28.74
N ILE B 337 -15.08 10.43 29.05
CA ILE B 337 -15.78 11.61 29.48
C ILE B 337 -15.16 12.83 28.83
N PRO B 338 -15.04 12.80 27.48
CA PRO B 338 -14.32 13.84 26.75
C PRO B 338 -14.88 15.24 27.00
N GLU B 339 -16.19 15.35 27.19
CA GLU B 339 -16.81 16.67 27.28
C GLU B 339 -16.96 17.13 28.73
N TYR B 340 -16.47 16.34 29.68
CA TYR B 340 -16.57 16.68 31.10
C TYR B 340 -15.68 17.86 31.51
N LYS B 341 -16.26 18.74 32.32
CA LYS B 341 -15.60 19.97 32.79
C LYS B 341 -15.72 20.09 34.31
N HIS B 342 -14.62 19.89 35.01
CA HIS B 342 -14.56 20.07 36.44
C HIS B 342 -14.23 21.51 36.75
N ASN B 343 -14.62 21.97 37.94
CA ASN B 343 -14.40 23.36 38.41
C ASN B 343 -12.90 23.72 38.40
N VAL B 344 -12.09 22.74 38.79
CA VAL B 344 -10.65 22.84 38.92
C VAL B 344 -9.90 22.97 37.58
N LEU B 345 -10.55 22.49 36.50
CA LEU B 345 -9.93 22.46 35.18
C LEU B 345 -10.32 23.68 34.36
N ASN B 346 -9.43 24.06 33.45
CA ASN B 346 -9.61 25.22 32.58
C ASN B 346 -10.53 24.94 31.38
N ASN B 347 -10.74 23.66 31.07
CA ASN B 347 -11.61 23.21 29.98
C ASN B 347 -11.99 21.72 30.08
N THR B 348 -12.73 21.25 29.09
CA THR B 348 -13.08 19.84 28.96
C THR B 348 -11.87 18.88 28.84
N ILE B 349 -12.05 17.65 29.31
CA ILE B 349 -11.09 16.57 29.13
C ILE B 349 -10.56 16.52 27.70
N ARG B 350 -11.43 16.51 26.70
CA ARG B 350 -10.98 16.49 25.30
C ARG B 350 -10.04 17.65 24.93
N CYS B 351 -10.33 18.85 25.41
CA CYS B 351 -9.45 20.00 25.14
C CYS B 351 -8.08 19.89 25.81
N LEU B 352 -8.07 19.52 27.09
CA LEU B 352 -6.79 19.34 27.78
C LEU B 352 -5.98 18.20 27.14
N TYR B 353 -6.68 17.14 26.72
CA TYR B 353 -6.03 16.06 25.98
C TYR B 353 -5.43 16.56 24.66
N ASN B 354 -6.19 17.32 23.87
CA ASN B 354 -5.69 17.83 22.59
C ASN B 354 -4.55 18.78 22.74
N LYS B 355 -4.68 19.68 23.72
CA LYS B 355 -3.65 20.65 24.07
C LYS B 355 -2.37 19.91 24.41
N TYR B 356 -2.49 18.86 25.22
CA TYR B 356 -1.32 18.13 25.69
C TYR B 356 -0.59 17.48 24.52
N VAL B 357 -1.38 16.99 23.56
CA VAL B 357 -0.87 16.34 22.37
C VAL B 357 -0.18 17.34 21.45
N SER B 358 -0.85 18.43 21.07
CA SER B 358 -0.24 19.39 20.14
C SER B 358 0.97 20.11 20.74
N ARG B 359 0.92 20.45 22.03
CA ARG B 359 2.01 21.16 22.68
C ARG B 359 3.25 20.31 22.77
N MET B 360 3.07 19.00 22.95
CA MET B 360 4.18 18.07 22.93
C MET B 360 4.81 18.01 21.55
N LYS B 361 4.01 18.27 20.52
CA LYS B 361 4.47 18.29 19.15
C LYS B 361 5.19 19.61 18.82
N GLU B 362 4.59 20.72 19.23
CA GLU B 362 5.16 22.06 18.97
C GLU B 362 6.44 22.32 19.77
N GLN B 363 6.38 22.06 21.08
CA GLN B 363 7.42 22.49 22.01
C GLN B 363 8.58 21.51 22.24
N TYR B 364 8.38 20.22 21.99
CA TYR B 364 9.44 19.25 22.27
C TYR B 364 9.70 18.35 21.09
N ASN B 365 8.96 18.61 20.01
CA ASN B 365 9.01 17.78 18.81
C ASN B 365 8.86 16.26 19.09
N ILE B 366 7.83 15.92 19.89
CA ILE B 366 7.56 14.54 20.29
C ILE B 366 6.12 14.17 19.91
N ASN B 367 5.93 13.05 19.21
CA ASN B 367 4.59 12.48 19.03
C ASN B 367 4.26 11.63 20.23
N ILE B 368 3.46 12.19 21.12
CA ILE B 368 3.18 11.60 22.42
C ILE B 368 2.54 10.20 22.28
N LYS B 369 1.89 9.94 21.15
CA LYS B 369 1.18 8.67 20.94
C LYS B 369 2.07 7.45 20.67
N GLU B 370 3.26 7.66 20.12
CA GLU B 370 4.23 6.58 19.86
C GLU B 370 4.56 5.74 21.10
N ASN B 371 4.71 6.39 22.24
CA ASN B 371 5.03 5.69 23.49
C ASN B 371 3.81 5.39 24.38
N ASN B 372 2.63 5.69 23.87
CA ASN B 372 1.40 5.56 24.64
C ASN B 372 0.35 4.84 23.79
N LYS B 373 0.39 3.52 23.87
CA LYS B 373 -0.34 2.66 22.95
C LYS B 373 -1.64 2.10 23.51
N ARG B 374 -2.68 2.21 22.68
CA ARG B 374 -3.98 1.65 22.97
C ARG B 374 -3.90 0.14 22.85
N ILE B 375 -4.53 -0.56 23.80
CA ILE B 375 -4.50 -2.02 23.88
C ILE B 375 -5.95 -2.53 23.78
N TYR B 376 -6.13 -3.68 23.14
CA TYR B 376 -7.42 -4.39 23.23
C TYR B 376 -7.09 -5.80 23.64
N VAL B 377 -8.05 -6.52 24.21
CA VAL B 377 -7.76 -7.85 24.71
C VAL B 377 -8.67 -8.85 24.03
N LEU B 378 -8.08 -9.90 23.48
CA LEU B 378 -8.85 -10.98 22.89
C LEU B 378 -9.24 -12.09 23.84
N LYS B 379 -8.27 -12.57 24.62
CA LYS B 379 -8.51 -13.61 25.62
C LYS B 379 -8.03 -13.13 26.96
N ASP B 380 -6.74 -13.32 27.19
CA ASP B 380 -6.06 -12.97 28.43
C ASP B 380 -4.85 -12.06 28.18
N ARG B 381 -4.29 -12.12 26.97
CA ARG B 381 -3.12 -11.35 26.62
C ARG B 381 -3.40 -9.96 26.04
N ILE B 382 -2.44 -9.08 26.25
CA ILE B 382 -2.33 -7.79 25.60
C ILE B 382 -2.12 -7.87 24.08
N SER B 383 -2.94 -7.14 23.31
CA SER B 383 -2.72 -6.88 21.89
C SER B 383 -2.59 -5.38 21.73
N TYR B 384 -1.66 -4.95 20.89
CA TYR B 384 -1.50 -3.55 20.57
C TYR B 384 -2.36 -3.20 19.37
N LEU B 385 -3.26 -2.24 19.56
CA LEU B 385 -4.14 -1.81 18.52
C LEU B 385 -3.35 -1.40 17.30
N LYS B 386 -3.76 -1.96 16.16
CA LYS B 386 -3.22 -1.66 14.84
C LYS B 386 -1.82 -2.22 14.60
N GLU B 387 -1.31 -3.06 15.48
CA GLU B 387 0.04 -3.61 15.26
C GLU B 387 0.15 -4.98 14.63
N LYS B 388 -0.97 -5.63 14.36
CA LYS B 388 -0.95 -6.96 13.75
C LYS B 388 -2.33 -7.27 13.18
N THR B 389 -2.35 -7.85 12.00
CA THR B 389 -3.58 -8.37 11.44
C THR B 389 -3.66 -9.85 11.76
N ASN B 390 -4.56 -10.22 12.67
CA ASN B 390 -4.76 -11.58 13.11
C ASN B 390 -5.65 -12.40 12.20
N ILE B 391 -5.27 -13.64 11.93
CA ILE B 391 -6.12 -14.55 11.17
C ILE B 391 -7.09 -15.24 12.10
N VAL B 392 -8.36 -15.27 11.69
CA VAL B 392 -9.40 -15.93 12.45
C VAL B 392 -9.94 -16.95 11.48
N GLY B 393 -9.69 -18.23 11.75
CA GLY B 393 -10.17 -19.30 10.85
C GLY B 393 -11.61 -19.69 11.11
N ILE B 394 -12.33 -20.02 10.03
CA ILE B 394 -13.74 -20.28 10.08
C ILE B 394 -14.01 -21.79 10.14
N LEU B 395 -14.75 -22.21 11.16
CA LEU B 395 -15.29 -23.58 11.22
C LEU B 395 -16.82 -23.56 11.19
N ASN B 396 -17.41 -23.77 10.02
CA ASN B 396 -18.85 -23.86 9.97
C ASN B 396 -19.27 -25.33 10.00
N VAL B 397 -19.95 -25.74 11.07
CA VAL B 397 -20.33 -27.16 11.20
C VAL B 397 -21.36 -27.63 10.15
N ASN B 398 -22.42 -26.86 9.91
CA ASN B 398 -23.33 -27.16 8.79
C ASN B 398 -22.63 -27.41 7.45
N TYR B 399 -21.76 -26.48 7.04
CA TYR B 399 -21.01 -26.64 5.79
C TYR B 399 -20.01 -27.79 5.87
N ASP B 400 -19.33 -27.92 7.01
CA ASP B 400 -18.33 -29.00 7.19
C ASP B 400 -18.98 -30.39 7.05
N SER B 401 -20.19 -30.53 7.59
CA SER B 401 -20.86 -31.83 7.65
C SER B 401 -21.85 -32.12 6.51
N PHE B 402 -22.59 -31.09 6.05
CA PHE B 402 -23.70 -31.31 5.10
C PHE B 402 -23.47 -30.83 3.66
N SER B 403 -22.27 -30.36 3.34
CA SER B 403 -21.95 -29.97 1.97
C SER B 403 -21.73 -31.18 1.03
N ASP B 404 -21.37 -32.33 1.61
CA ASP B 404 -21.30 -33.62 0.89
C ASP B 404 -22.64 -33.95 0.25
N GLY B 405 -23.71 -33.67 0.98
CA GLY B 405 -25.01 -34.30 0.77
C GLY B 405 -25.22 -35.34 1.88
N GLY B 406 -24.22 -35.48 2.75
CA GLY B 406 -24.28 -36.31 3.95
C GLY B 406 -25.31 -35.75 4.92
N ILE B 407 -25.68 -36.56 5.90
CA ILE B 407 -26.75 -36.20 6.83
C ILE B 407 -26.27 -36.23 8.26
N PHE B 408 -25.11 -36.83 8.50
CA PHE B 408 -24.62 -36.99 9.86
C PHE B 408 -23.50 -36.02 10.16
N VAL B 409 -23.50 -35.51 11.39
CA VAL B 409 -22.47 -34.60 11.87
C VAL B 409 -21.23 -35.41 12.24
N GLU B 410 -20.06 -34.90 11.86
CA GLU B 410 -18.82 -35.62 12.12
C GLU B 410 -17.86 -34.80 13.00
N PRO B 411 -18.01 -34.89 14.34
CA PRO B 411 -17.12 -34.09 15.19
C PRO B 411 -15.63 -34.34 14.99
N LYS B 412 -15.23 -35.54 14.58
CA LYS B 412 -13.80 -35.88 14.45
C LYS B 412 -13.17 -35.05 13.36
N ARG B 413 -13.80 -35.11 12.19
CA ARG B 413 -13.40 -34.39 11.00
C ARG B 413 -13.34 -32.88 11.28
N ALA B 414 -14.27 -32.42 12.12
CA ALA B 414 -14.40 -31.03 12.48
C ALA B 414 -13.21 -30.60 13.32
N VAL B 415 -12.93 -31.35 14.38
CA VAL B 415 -11.81 -31.04 15.27
C VAL B 415 -10.46 -31.20 14.53
N GLN B 416 -10.44 -32.11 13.55
CA GLN B 416 -9.32 -32.25 12.64
C GLN B 416 -9.08 -30.93 11.88
N ARG B 417 -10.17 -30.31 11.44
CA ARG B 417 -10.11 -29.02 10.75
C ARG B 417 -9.63 -27.91 11.68
N MET B 418 -10.05 -27.93 12.94
CA MET B 418 -9.52 -26.95 13.90
C MET B 418 -8.00 -27.03 13.99
N PHE B 419 -7.46 -28.22 14.26
CA PHE B 419 -6.02 -28.45 14.35
C PHE B 419 -5.30 -28.07 13.07
N GLU B 420 -5.88 -28.43 11.93
CA GLU B 420 -5.30 -28.04 10.66
C GLU B 420 -5.22 -26.48 10.50
N MET B 421 -6.09 -25.74 11.19
CA MET B 421 -6.09 -24.28 11.08
C MET B 421 -5.07 -23.66 12.01
N ILE B 422 -4.94 -24.22 13.22
CA ILE B 422 -3.87 -23.80 14.14
C ILE B 422 -2.51 -23.91 13.45
N ASN B 423 -2.24 -25.04 12.81
CA ASN B 423 -0.95 -25.26 12.14
C ASN B 423 -0.75 -24.41 10.90
N GLU B 424 -1.86 -24.03 10.27
CA GLU B 424 -1.81 -23.20 9.09
C GLU B 424 -1.57 -21.74 9.52
N GLY B 425 -1.75 -21.45 10.82
CA GLY B 425 -1.40 -20.14 11.37
C GLY B 425 -2.51 -19.27 11.96
N ALA B 426 -3.69 -19.84 12.25
CA ALA B 426 -4.79 -19.04 12.80
C ALA B 426 -4.61 -18.75 14.27
N SER B 427 -4.75 -17.50 14.68
CA SER B 427 -4.60 -17.11 16.08
C SER B 427 -5.93 -17.32 16.79
N VAL B 428 -7.00 -17.40 15.99
CA VAL B 428 -8.35 -17.45 16.48
C VAL B 428 -9.18 -18.43 15.65
N ILE B 429 -10.00 -19.24 16.31
CA ILE B 429 -10.97 -20.07 15.58
C ILE B 429 -12.38 -19.56 15.86
N ASP B 430 -13.14 -19.32 14.80
CA ASP B 430 -14.54 -18.88 14.90
C ASP B 430 -15.41 -20.06 14.51
N ILE B 431 -16.09 -20.63 15.50
CA ILE B 431 -16.98 -21.75 15.24
C ILE B 431 -18.45 -21.30 15.23
N GLY B 432 -19.20 -21.79 14.24
CA GLY B 432 -20.60 -21.54 14.09
C GLY B 432 -21.39 -22.77 13.64
N GLY B 433 -22.62 -22.85 14.13
CA GLY B 433 -23.57 -23.90 13.77
C GLY B 433 -24.91 -23.39 13.23
N GLU B 434 -25.13 -22.08 13.35
CA GLU B 434 -26.15 -21.38 12.59
C GLU B 434 -25.53 -20.91 11.28
N SER B 435 -26.34 -20.78 10.24
CA SER B 435 -25.87 -20.18 8.99
C SER B 435 -26.65 -18.93 8.61
N SER B 436 -25.92 -17.84 8.49
CA SER B 436 -26.46 -16.54 8.11
C SER B 436 -26.20 -16.28 6.62
N ALA B 437 -25.70 -17.30 5.92
CA ALA B 437 -25.46 -17.23 4.47
C ALA B 437 -26.77 -16.88 3.80
N PRO B 438 -26.75 -15.99 2.78
CA PRO B 438 -27.99 -15.54 2.14
C PRO B 438 -28.83 -16.69 1.60
N PHE B 439 -30.14 -16.59 1.81
CA PHE B 439 -31.12 -17.59 1.34
C PHE B 439 -30.91 -19.02 1.89
N VAL B 440 -30.03 -19.16 2.88
CA VAL B 440 -29.78 -20.47 3.51
C VAL B 440 -30.78 -20.71 4.66
N ILE B 441 -31.40 -21.89 4.63
CA ILE B 441 -32.42 -22.30 5.60
C ILE B 441 -31.81 -23.32 6.59
N PRO B 442 -31.53 -22.90 7.85
CA PRO B 442 -30.93 -23.81 8.85
C PRO B 442 -31.70 -25.13 9.00
N ASN B 443 -30.98 -26.22 9.22
CA ASN B 443 -31.60 -27.55 9.31
C ASN B 443 -32.44 -27.76 10.59
N PRO B 444 -33.75 -28.06 10.43
CA PRO B 444 -34.68 -28.12 11.58
C PRO B 444 -34.60 -29.37 12.46
N LYS B 445 -33.87 -30.40 12.01
CA LYS B 445 -33.79 -31.64 12.78
C LYS B 445 -32.66 -31.64 13.82
N ILE B 446 -31.46 -31.23 13.41
CA ILE B 446 -30.34 -31.09 14.34
C ILE B 446 -30.16 -29.62 14.78
N SER B 447 -30.19 -29.39 16.08
CA SER B 447 -30.16 -28.06 16.64
C SER B 447 -28.73 -27.46 16.64
N GLU B 448 -28.66 -26.13 16.80
CA GLU B 448 -27.39 -25.42 16.80
C GLU B 448 -26.46 -25.96 17.87
N ARG B 449 -27.01 -26.11 19.07
CA ARG B 449 -26.25 -26.53 20.23
C ARG B 449 -25.59 -27.91 20.03
N ASP B 450 -26.25 -28.77 19.26
CA ASP B 450 -25.77 -30.13 19.02
C ASP B 450 -24.79 -30.17 17.87
N LEU B 451 -24.83 -29.13 17.03
CA LEU B 451 -23.82 -28.92 16.02
C LEU B 451 -22.52 -28.42 16.65
N VAL B 452 -22.63 -27.72 17.78
CA VAL B 452 -21.56 -26.88 18.25
C VAL B 452 -20.87 -27.34 19.53
N VAL B 453 -21.65 -27.59 20.59
CA VAL B 453 -21.04 -28.05 21.87
C VAL B 453 -20.20 -29.34 21.77
N PRO B 454 -20.75 -30.42 21.14
CA PRO B 454 -19.95 -31.63 20.92
C PRO B 454 -18.60 -31.43 20.20
N VAL B 455 -18.59 -30.69 19.07
CA VAL B 455 -17.34 -30.37 18.39
C VAL B 455 -16.40 -29.59 19.29
N LEU B 456 -16.95 -28.74 20.14
CA LEU B 456 -16.08 -27.98 21.00
C LEU B 456 -15.52 -28.84 22.07
N GLN B 457 -16.37 -29.70 22.65
CA GLN B 457 -16.01 -30.59 23.76
C GLN B 457 -14.89 -31.55 23.35
N LEU B 458 -15.05 -32.16 22.18
CA LEU B 458 -14.02 -33.05 21.65
C LEU B 458 -12.72 -32.28 21.48
N PHE B 459 -12.80 -31.02 21.06
CA PHE B 459 -11.61 -30.18 20.88
C PHE B 459 -10.87 -29.92 22.19
N GLN B 460 -11.59 -29.43 23.20
CA GLN B 460 -10.99 -29.16 24.51
C GLN B 460 -10.36 -30.45 25.07
N LYS B 461 -10.95 -31.59 24.69
CA LYS B 461 -10.42 -32.88 25.10
C LYS B 461 -9.10 -33.17 24.40
N GLU B 462 -9.11 -33.23 23.07
CA GLU B 462 -7.91 -33.56 22.33
C GLU B 462 -6.80 -32.55 22.50
N TRP B 463 -7.17 -31.31 22.82
CA TRP B 463 -6.19 -30.28 23.09
C TRP B 463 -5.50 -30.64 24.36
N ASN B 464 -6.27 -31.10 25.33
CA ASN B 464 -5.70 -31.46 26.62
C ASN B 464 -4.98 -32.79 26.64
N ASP B 465 -5.30 -33.67 25.69
CA ASP B 465 -4.57 -34.91 25.49
C ASP B 465 -3.17 -34.61 24.95
N ILE B 466 -3.12 -33.84 23.87
CA ILE B 466 -1.85 -33.52 23.19
C ILE B 466 -1.07 -32.41 23.90
N LYS B 467 -1.48 -32.09 25.13
CA LYS B 467 -0.78 -31.06 25.91
C LYS B 467 0.24 -31.62 26.89
N ASN B 468 1.29 -32.21 26.33
CA ASN B 468 2.54 -32.49 27.03
C ASN B 468 3.55 -31.41 26.62
N LYS B 469 3.69 -31.22 25.31
CA LYS B 469 4.56 -30.19 24.73
C LYS B 469 3.88 -28.83 24.68
N ALA B 475 0.56 -21.47 23.07
CA ALA B 475 0.23 -21.88 21.71
C ALA B 475 -1.29 -22.12 21.48
N LYS B 476 -2.09 -22.00 22.54
CA LYS B 476 -3.52 -22.31 22.41
C LYS B 476 -4.33 -21.26 21.66
N PRO B 477 -5.00 -21.68 20.57
CA PRO B 477 -5.85 -20.77 19.80
C PRO B 477 -6.99 -20.27 20.66
N ILE B 478 -7.28 -18.97 20.50
CA ILE B 478 -8.46 -18.34 21.05
C ILE B 478 -9.68 -18.85 20.32
N ILE B 479 -10.73 -19.15 21.07
CA ILE B 479 -11.94 -19.72 20.47
C ILE B 479 -13.05 -18.67 20.49
N SER B 480 -13.63 -18.46 19.33
CA SER B 480 -14.72 -17.52 19.18
C SER B 480 -15.94 -18.33 18.78
N ILE B 481 -17.08 -17.99 19.34
CA ILE B 481 -18.34 -18.63 18.91
C ILE B 481 -19.32 -17.65 18.25
N ASP B 482 -19.74 -18.02 17.06
CA ASP B 482 -20.59 -17.22 16.20
C ASP B 482 -22.01 -17.63 16.55
N THR B 483 -22.52 -17.11 17.66
CA THR B 483 -23.88 -17.35 18.04
C THR B 483 -24.59 -16.02 18.42
N ILE B 484 -25.91 -15.97 18.29
CA ILE B 484 -26.71 -14.91 18.88
C ILE B 484 -27.58 -15.50 19.99
N ASN B 485 -27.39 -16.80 20.25
CA ASN B 485 -28.26 -17.54 21.15
C ASN B 485 -27.63 -17.64 22.54
N TYR B 486 -28.32 -17.06 23.52
CA TYR B 486 -27.95 -17.07 24.94
C TYR B 486 -27.68 -18.48 25.54
N ASN B 487 -28.59 -19.43 25.32
CA ASN B 487 -28.45 -20.75 25.94
C ASN B 487 -27.20 -21.43 25.42
N VAL B 488 -26.99 -21.38 24.09
CA VAL B 488 -25.78 -21.88 23.45
C VAL B 488 -24.51 -21.24 24.04
N PHE B 489 -24.51 -19.92 24.21
CA PHE B 489 -23.35 -19.25 24.79
C PHE B 489 -23.07 -19.67 26.22
N LYS B 490 -24.12 -19.73 27.04
CA LYS B 490 -24.03 -20.18 28.44
C LYS B 490 -23.36 -21.56 28.60
N GLU B 491 -23.86 -22.55 27.90
CA GLU B 491 -23.31 -23.90 27.95
C GLU B 491 -21.83 -23.90 27.51
N CYS B 492 -21.48 -23.01 26.58
CA CYS B 492 -20.11 -22.91 26.07
C CYS B 492 -19.16 -22.27 27.10
N VAL B 493 -19.63 -21.19 27.72
CA VAL B 493 -18.82 -20.43 28.66
C VAL B 493 -18.66 -21.16 30.00
N ASP B 494 -19.75 -21.74 30.52
CA ASP B 494 -19.70 -22.52 31.76
C ASP B 494 -18.77 -23.73 31.73
N ASN B 495 -18.71 -24.41 30.59
CA ASN B 495 -17.80 -25.53 30.39
C ASN B 495 -16.47 -25.10 29.76
N ASP B 496 -16.16 -23.79 29.89
CA ASP B 496 -14.95 -23.15 29.31
C ASP B 496 -14.60 -23.61 27.90
N LEU B 497 -15.60 -23.70 27.05
CA LEU B 497 -15.36 -24.12 25.69
C LEU B 497 -14.93 -22.99 24.74
N VAL B 498 -15.10 -21.71 25.17
CA VAL B 498 -14.96 -20.54 24.27
C VAL B 498 -14.41 -19.32 24.98
N ASP B 499 -13.86 -18.40 24.17
CA ASP B 499 -13.26 -17.17 24.70
C ASP B 499 -13.97 -15.91 24.24
N ILE B 500 -14.57 -15.94 23.06
CA ILE B 500 -15.11 -14.72 22.47
C ILE B 500 -16.51 -14.96 21.98
N LEU B 501 -17.37 -13.98 22.23
CA LEU B 501 -18.71 -13.96 21.59
C LEU B 501 -18.69 -13.16 20.24
N ASN B 502 -19.03 -13.83 19.15
CA ASN B 502 -19.19 -13.19 17.86
C ASN B 502 -20.67 -13.08 17.62
N ASP B 503 -21.26 -11.91 17.92
CA ASP B 503 -22.73 -11.72 17.79
C ASP B 503 -23.08 -10.88 16.59
N ILE B 504 -23.55 -11.51 15.53
CA ILE B 504 -23.87 -10.82 14.31
C ILE B 504 -25.11 -9.93 14.42
N SER B 505 -25.79 -9.93 15.57
CA SER B 505 -26.90 -9.00 15.72
C SER B 505 -26.46 -7.85 16.60
N ALA B 506 -25.16 -7.77 16.86
CA ALA B 506 -24.61 -6.81 17.84
C ALA B 506 -25.30 -6.88 19.18
N CYS B 507 -25.62 -8.09 19.62
CA CYS B 507 -26.29 -8.28 20.92
C CYS B 507 -27.68 -7.63 20.99
N THR B 508 -28.38 -7.53 19.86
CA THR B 508 -29.74 -7.02 19.90
C THR B 508 -30.74 -8.15 19.81
N ASN B 509 -30.33 -9.35 19.43
CA ASN B 509 -31.28 -10.46 19.39
C ASN B 509 -31.74 -10.84 20.82
N ASN B 510 -30.80 -10.74 21.74
CA ASN B 510 -31.04 -10.99 23.13
C ASN B 510 -29.96 -10.26 23.93
N PRO B 511 -30.22 -9.00 24.30
CA PRO B 511 -29.22 -8.22 25.03
C PRO B 511 -28.76 -8.92 26.29
N GLU B 512 -29.57 -9.83 26.84
CA GLU B 512 -29.18 -10.51 28.10
C GLU B 512 -27.91 -11.37 27.93
N ILE B 513 -27.62 -11.74 26.69
CA ILE B 513 -26.38 -12.42 26.37
C ILE B 513 -25.17 -11.66 26.91
N ILE B 514 -25.33 -10.35 27.14
CA ILE B 514 -24.25 -9.47 27.61
C ILE B 514 -23.76 -9.85 29.00
N LYS B 515 -24.73 -10.19 29.88
CA LYS B 515 -24.46 -10.68 31.23
C LYS B 515 -23.50 -11.84 31.26
N LEU B 516 -23.55 -12.67 30.24
CA LEU B 516 -22.68 -13.81 30.17
C LEU B 516 -21.22 -13.43 29.85
N LEU B 517 -20.96 -12.15 29.60
CA LEU B 517 -19.61 -11.72 29.20
C LEU B 517 -18.78 -11.39 30.45
N LYS B 518 -19.46 -11.32 31.60
CA LYS B 518 -18.80 -11.14 32.89
C LYS B 518 -19.13 -12.27 33.84
N LYS B 519 -18.13 -12.75 34.56
CA LYS B 519 -18.35 -13.63 35.70
C LYS B 519 -17.88 -12.91 36.96
N LYS B 520 -17.62 -13.69 38.02
CA LYS B 520 -17.07 -13.13 39.24
C LYS B 520 -15.55 -13.00 39.11
N ASN B 521 -14.99 -13.76 38.17
CA ASN B 521 -13.55 -13.86 37.98
C ASN B 521 -13.09 -13.59 36.53
N LYS B 522 -13.88 -14.03 35.55
CA LYS B 522 -13.50 -13.86 34.16
C LYS B 522 -14.26 -12.74 33.45
N PHE B 523 -13.64 -12.21 32.38
CA PHE B 523 -14.34 -11.38 31.41
C PHE B 523 -14.21 -12.03 30.04
N TYR B 524 -15.20 -11.82 29.18
CA TYR B 524 -15.10 -12.30 27.81
C TYR B 524 -15.25 -11.19 26.81
N SER B 525 -14.52 -11.34 25.70
CA SER B 525 -14.52 -10.36 24.64
C SER B 525 -15.62 -10.60 23.64
N VAL B 526 -15.98 -9.53 22.93
CA VAL B 526 -17.11 -9.60 22.03
C VAL B 526 -16.95 -8.81 20.72
N VAL B 527 -17.37 -9.45 19.63
CA VAL B 527 -17.46 -8.81 18.35
C VAL B 527 -18.89 -8.37 18.10
N LEU B 528 -19.11 -7.09 17.82
CA LEU B 528 -20.41 -6.59 17.41
C LEU B 528 -20.42 -6.33 15.89
N MET B 529 -21.27 -7.01 15.16
CA MET B 529 -21.41 -6.78 13.74
C MET B 529 -22.70 -6.02 13.41
N HIS B 530 -22.68 -5.18 12.39
CA HIS B 530 -23.86 -4.53 11.91
C HIS B 530 -24.51 -5.38 10.85
N LYS B 531 -25.84 -5.52 10.92
CA LYS B 531 -26.65 -6.14 9.87
C LYS B 531 -28.09 -5.62 9.97
N ARG B 532 -28.90 -5.88 8.97
CA ARG B 532 -30.33 -5.61 9.03
C ARG B 532 -30.98 -6.86 8.44
N GLY B 533 -32.06 -7.32 9.07
CA GLY B 533 -32.86 -8.40 8.52
C GLY B 533 -32.25 -9.75 8.80
N ASN B 534 -32.53 -10.69 7.90
CA ASN B 534 -32.11 -12.06 8.10
C ASN B 534 -31.77 -12.52 6.72
N PRO B 535 -31.33 -13.78 6.58
CA PRO B 535 -30.72 -14.17 5.32
C PRO B 535 -31.64 -14.07 4.09
N HIS B 536 -32.95 -14.12 4.30
CA HIS B 536 -33.91 -14.02 3.19
C HIS B 536 -34.25 -12.57 2.87
N THR B 537 -34.23 -11.71 3.88
CA THR B 537 -34.59 -10.31 3.65
C THR B 537 -33.46 -9.34 3.47
N MET B 538 -32.27 -9.67 3.96
CA MET B 538 -31.19 -8.70 4.06
C MET B 538 -30.81 -8.03 2.76
N ASP B 539 -30.81 -8.78 1.66
CA ASP B 539 -30.38 -8.24 0.38
C ASP B 539 -31.24 -7.10 -0.10
N LYS B 540 -32.47 -7.01 0.39
CA LYS B 540 -33.35 -5.91 -0.06
C LYS B 540 -33.27 -4.66 0.82
N LEU B 541 -32.55 -4.74 1.94
CA LEU B 541 -32.55 -3.69 2.95
C LEU B 541 -31.34 -2.78 2.89
N THR B 542 -31.10 -2.20 1.72
CA THR B 542 -29.84 -1.54 1.50
C THR B 542 -29.90 -0.02 1.32
N ASN B 543 -30.99 0.60 1.74
CA ASN B 543 -31.01 2.07 1.77
C ASN B 543 -30.46 2.63 3.07
N TYR B 544 -29.51 3.54 2.94
CA TYR B 544 -28.81 4.13 4.05
C TYR B 544 -28.84 5.57 3.75
N ASP B 545 -29.12 6.35 4.75
CA ASP B 545 -29.05 7.76 4.60
C ASP B 545 -27.56 8.11 4.32
N ASN B 546 -26.65 7.56 5.13
CA ASN B 546 -25.22 7.78 4.99
C ASN B 546 -24.46 6.51 5.41
N LEU B 547 -24.31 5.61 4.45
CA LEU B 547 -23.80 4.25 4.65
C LEU B 547 -22.65 4.13 5.69
N VAL B 548 -21.51 4.74 5.37
CA VAL B 548 -20.33 4.67 6.20
C VAL B 548 -20.59 5.08 7.62
N TYR B 549 -21.23 6.23 7.80
CA TYR B 549 -21.41 6.78 9.13
C TYR B 549 -22.58 6.23 9.93
N ASP B 550 -23.64 5.78 9.24
CA ASP B 550 -24.74 5.17 9.95
C ASP B 550 -24.28 3.90 10.64
N ILE B 551 -23.40 3.16 9.97
CA ILE B 551 -22.93 1.90 10.48
C ILE B 551 -21.99 2.10 11.68
N LYS B 552 -21.08 3.07 11.54
CA LYS B 552 -20.13 3.42 12.57
C LYS B 552 -20.88 3.92 13.78
N ASN B 553 -21.86 4.81 13.56
CA ASN B 553 -22.64 5.36 14.67
C ASN B 553 -23.39 4.28 15.35
N TYR B 554 -23.92 3.35 14.56
CA TYR B 554 -24.65 2.23 15.09
C TYR B 554 -23.74 1.40 15.94
N LEU B 555 -22.54 1.13 15.47
CA LEU B 555 -21.64 0.28 16.23
C LEU B 555 -21.19 1.02 17.49
N GLU B 556 -20.95 2.30 17.37
CA GLU B 556 -20.58 3.10 18.52
C GLU B 556 -21.65 3.07 19.61
N GLN B 557 -22.91 3.34 19.24
CA GLN B 557 -24.01 3.22 20.20
C GLN B 557 -24.09 1.80 20.81
N ARG B 558 -23.81 0.75 20.07
CA ARG B 558 -23.78 -0.56 20.75
C ARG B 558 -22.72 -0.69 21.81
N LEU B 559 -21.55 -0.15 21.51
CA LEU B 559 -20.43 -0.13 22.42
C LEU B 559 -20.84 0.70 23.65
N ASN B 560 -21.42 1.88 23.47
CA ASN B 560 -21.86 2.65 24.66
C ASN B 560 -22.77 1.83 25.56
N PHE B 561 -23.54 0.92 24.98
CA PHE B 561 -24.46 0.14 25.74
C PHE B 561 -23.76 -1.00 26.50
N LEU B 562 -22.85 -1.74 25.85
CA LEU B 562 -22.09 -2.74 26.59
C LEU B 562 -21.28 -2.08 27.73
N VAL B 563 -20.74 -0.91 27.44
CA VAL B 563 -19.82 -0.26 28.35
C VAL B 563 -20.62 0.24 29.55
N LEU B 564 -21.70 0.96 29.31
CA LEU B 564 -22.59 1.37 30.39
C LEU B 564 -22.94 0.16 31.31
N ASN B 565 -22.85 -1.05 30.79
CA ASN B 565 -23.20 -2.22 31.56
C ASN B 565 -21.98 -2.97 32.05
N GLY B 566 -20.85 -2.28 32.10
CA GLY B 566 -19.63 -2.84 32.65
C GLY B 566 -18.86 -3.80 31.76
N ILE B 567 -19.18 -3.85 30.47
CA ILE B 567 -18.29 -4.56 29.57
C ILE B 567 -17.10 -3.63 29.35
N PRO B 568 -15.87 -4.10 29.61
CA PRO B 568 -14.65 -3.28 29.40
C PRO B 568 -14.53 -2.83 27.94
N ARG B 569 -14.33 -1.53 27.74
CA ARG B 569 -14.20 -0.98 26.41
C ARG B 569 -13.23 -1.76 25.52
N TYR B 570 -12.06 -2.09 26.07
CA TYR B 570 -10.94 -2.67 25.32
C TYR B 570 -11.24 -4.12 24.97
N ARG B 571 -12.45 -4.57 25.25
CA ARG B 571 -12.84 -5.95 24.91
C ARG B 571 -13.90 -6.01 23.86
N ILE B 572 -14.25 -4.85 23.32
CA ILE B 572 -15.26 -4.76 22.28
C ILE B 572 -14.64 -4.53 20.90
N LEU B 573 -14.98 -5.41 19.95
CA LEU B 573 -14.47 -5.34 18.59
C LEU B 573 -15.60 -4.93 17.61
N PHE B 574 -15.27 -4.20 16.54
CA PHE B 574 -16.28 -3.69 15.60
C PHE B 574 -16.22 -4.54 14.34
N ASP B 575 -17.38 -4.78 13.74
CA ASP B 575 -17.44 -5.42 12.44
C ASP B 575 -18.54 -4.79 11.64
N ILE B 576 -18.18 -4.32 10.44
CA ILE B 576 -19.10 -3.61 9.61
C ILE B 576 -20.08 -4.56 8.92
N GLY B 577 -19.81 -5.85 8.99
CA GLY B 577 -20.66 -6.83 8.36
C GLY B 577 -20.78 -6.78 6.84
N LEU B 578 -19.64 -6.86 6.14
CA LEU B 578 -19.66 -6.95 4.67
C LEU B 578 -20.64 -8.03 4.21
N GLY B 579 -21.47 -7.68 3.24
CA GLY B 579 -22.45 -8.58 2.67
C GLY B 579 -23.77 -8.69 3.43
N PHE B 580 -23.85 -8.09 4.62
CA PHE B 580 -25.07 -8.18 5.43
C PHE B 580 -25.90 -6.91 5.25
N ALA B 581 -26.91 -7.00 4.40
CA ALA B 581 -27.67 -5.84 3.96
C ALA B 581 -26.80 -4.76 3.29
N LYS B 582 -25.91 -5.17 2.38
CA LYS B 582 -25.16 -4.20 1.62
C LYS B 582 -25.14 -4.68 0.19
N LYS B 583 -25.35 -3.80 -0.78
CA LYS B 583 -25.08 -4.17 -2.16
C LYS B 583 -23.56 -4.29 -2.29
N HIS B 584 -23.13 -5.00 -3.32
CA HIS B 584 -21.69 -5.21 -3.55
C HIS B 584 -20.88 -3.95 -3.59
N ASP B 585 -21.40 -2.93 -4.27
CA ASP B 585 -20.74 -1.59 -4.25
C ASP B 585 -20.72 -0.93 -2.87
N GLN B 586 -21.67 -1.28 -2.01
CA GLN B 586 -21.69 -0.79 -0.64
C GLN B 586 -20.67 -1.49 0.25
N SER B 587 -20.52 -2.80 0.08
CA SER B 587 -19.44 -3.51 0.70
C SER B 587 -18.05 -2.92 0.33
N ILE B 588 -17.84 -2.64 -0.96
CA ILE B 588 -16.57 -2.04 -1.40
C ILE B 588 -16.39 -0.69 -0.74
N LYS B 589 -17.49 0.07 -0.68
CA LYS B 589 -17.43 1.38 -0.14
C LYS B 589 -17.06 1.40 1.35
N LEU B 590 -17.56 0.39 2.08
CA LEU B 590 -17.23 0.22 3.46
C LEU B 590 -15.73 -0.07 3.60
N LEU B 591 -15.18 -0.94 2.75
CA LEU B 591 -13.72 -1.13 2.63
C LEU B 591 -12.94 0.13 2.24
N GLN B 592 -13.42 0.86 1.22
CA GLN B 592 -12.73 2.11 0.81
C GLN B 592 -12.58 3.07 2.01
N ASN B 593 -13.54 3.01 2.94
CA ASN B 593 -13.63 3.97 4.01
C ASN B 593 -13.37 3.34 5.35
N ILE B 594 -12.62 2.24 5.33
CA ILE B 594 -12.29 1.50 6.56
C ILE B 594 -11.50 2.35 7.59
N HIS B 595 -10.85 3.42 7.14
CA HIS B 595 -10.06 4.26 8.04
C HIS B 595 -10.88 4.88 9.13
N VAL B 596 -12.20 5.00 8.93
CA VAL B 596 -13.03 5.57 9.98
C VAL B 596 -13.02 4.76 11.30
N TYR B 597 -12.44 3.56 11.29
CA TYR B 597 -12.30 2.66 12.47
C TYR B 597 -10.86 2.66 13.02
N ASP B 598 -10.08 3.68 12.70
CA ASP B 598 -8.63 3.75 13.08
C ASP B 598 -8.41 3.81 14.58
N GLU B 599 -9.42 4.28 15.32
CA GLU B 599 -9.34 4.35 16.78
C GLU B 599 -9.80 3.06 17.44
N TYR B 600 -10.33 2.12 16.66
CA TYR B 600 -11.09 1.01 17.20
C TYR B 600 -10.57 -0.36 16.83
N PRO B 601 -10.79 -1.36 17.70
CA PRO B 601 -10.47 -2.74 17.31
C PRO B 601 -11.44 -3.22 16.26
N LEU B 602 -10.89 -3.64 15.11
CA LEU B 602 -11.65 -3.94 13.91
C LEU B 602 -11.51 -5.39 13.45
N PHE B 603 -12.66 -6.02 13.24
CA PHE B 603 -12.77 -7.41 12.88
C PHE B 603 -13.57 -7.41 11.58
N ILE B 604 -13.06 -7.97 10.48
CA ILE B 604 -13.87 -7.99 9.25
C ILE B 604 -13.93 -9.40 8.63
N GLY B 605 -14.99 -9.67 7.89
CA GLY B 605 -15.15 -10.94 7.21
C GLY B 605 -15.60 -10.70 5.80
N TYR B 606 -14.70 -10.86 4.85
CA TYR B 606 -15.00 -10.75 3.43
C TYR B 606 -14.96 -12.13 2.78
N SER B 607 -14.37 -13.07 3.48
CA SER B 607 -14.01 -14.35 2.87
C SER B 607 -15.16 -15.01 2.10
N ARG B 608 -15.00 -15.10 0.78
CA ARG B 608 -15.91 -15.84 -0.10
C ARG B 608 -17.27 -15.20 -0.38
N LYS B 609 -17.42 -13.93 0.00
CA LYS B 609 -18.70 -13.28 -0.17
C LYS B 609 -18.86 -12.87 -1.62
N ARG B 610 -20.10 -12.70 -2.03
CA ARG B 610 -20.44 -12.46 -3.40
C ARG B 610 -19.79 -11.16 -3.93
N PHE B 611 -19.61 -10.15 -3.08
CA PHE B 611 -19.08 -8.87 -3.57
C PHE B 611 -17.66 -8.98 -4.15
N ILE B 612 -16.92 -10.02 -3.79
CA ILE B 612 -15.61 -10.27 -4.39
C ILE B 612 -15.71 -10.57 -5.89
N ALA B 613 -16.63 -11.47 -6.26
CA ALA B 613 -16.87 -11.84 -7.66
C ALA B 613 -17.25 -10.64 -8.47
N HIS B 614 -18.01 -9.75 -7.85
CA HIS B 614 -18.44 -8.49 -8.43
C HIS B 614 -17.28 -7.60 -8.81
N CYS B 615 -16.10 -7.87 -8.25
CA CYS B 615 -14.89 -7.10 -8.61
C CYS B 615 -14.19 -7.58 -9.90
N MET B 616 -14.51 -8.79 -10.35
CA MET B 616 -13.88 -9.41 -11.52
C MET B 616 -14.53 -9.05 -12.85
N ASN B 617 -13.87 -9.50 -13.92
CA ASN B 617 -14.39 -9.46 -15.29
C ASN B 617 -14.57 -10.87 -15.82
N ASP B 657 -15.58 -27.19 -14.39
CA ASP B 657 -14.40 -26.35 -14.19
C ASP B 657 -14.59 -24.92 -14.71
N LYS B 658 -15.84 -24.46 -14.70
CA LYS B 658 -16.16 -23.05 -14.92
C LYS B 658 -16.49 -22.41 -13.57
N ASP B 659 -17.01 -23.21 -12.64
CA ASP B 659 -17.29 -22.79 -11.27
C ASP B 659 -16.04 -22.93 -10.38
N GLN B 660 -15.08 -23.72 -10.84
CA GLN B 660 -13.80 -23.85 -10.15
C GLN B 660 -12.91 -22.64 -10.40
N LEU B 661 -12.90 -22.16 -11.64
CA LEU B 661 -12.23 -20.90 -11.98
C LEU B 661 -12.85 -19.79 -11.15
N LEU B 662 -14.16 -19.85 -10.96
CA LEU B 662 -14.88 -18.84 -10.17
C LEU B 662 -14.58 -18.95 -8.66
N TYR B 663 -14.45 -20.18 -8.15
CA TYR B 663 -14.02 -20.36 -6.77
C TYR B 663 -12.53 -20.11 -6.53
N GLN B 664 -11.73 -20.28 -7.57
CA GLN B 664 -10.32 -19.92 -7.51
C GLN B 664 -10.21 -18.39 -7.45
N LYS B 665 -10.97 -17.75 -8.33
CA LYS B 665 -10.98 -16.31 -8.47
C LYS B 665 -11.39 -15.72 -7.14
N ASN B 666 -12.33 -16.39 -6.49
CA ASN B 666 -12.83 -15.90 -5.25
C ASN B 666 -11.85 -16.02 -4.05
N ILE B 667 -11.16 -17.15 -3.86
CA ILE B 667 -10.09 -17.23 -2.86
C ILE B 667 -8.99 -16.16 -3.13
N CYS B 668 -8.57 -16.05 -4.38
CA CYS B 668 -7.57 -15.06 -4.77
C CYS B 668 -8.02 -13.60 -4.56
N GLY B 669 -9.26 -13.29 -4.94
CA GLY B 669 -9.86 -11.98 -4.65
C GLY B 669 -9.76 -11.63 -3.17
N GLY B 670 -10.04 -12.62 -2.31
CA GLY B 670 -9.90 -12.45 -0.86
C GLY B 670 -8.51 -12.07 -0.38
N LEU B 671 -7.51 -12.74 -0.95
CA LEU B 671 -6.10 -12.53 -0.62
C LEU B 671 -5.72 -11.10 -0.90
N ALA B 672 -6.33 -10.53 -1.94
CA ALA B 672 -6.25 -9.09 -2.18
C ALA B 672 -6.83 -8.28 -1.02
N ILE B 673 -7.96 -8.71 -0.46
CA ILE B 673 -8.52 -7.95 0.63
C ILE B 673 -7.69 -8.16 1.87
N ALA B 674 -7.12 -9.35 2.00
CA ALA B 674 -6.14 -9.59 3.05
C ALA B 674 -4.98 -8.57 2.97
N SER B 675 -4.47 -8.31 1.77
CA SER B 675 -3.36 -7.36 1.60
C SER B 675 -3.82 -5.96 1.98
N TYR B 676 -4.97 -5.57 1.42
CA TYR B 676 -5.51 -4.26 1.67
C TYR B 676 -5.69 -4.13 3.16
N SER B 677 -6.26 -5.17 3.80
CA SER B 677 -6.51 -5.19 5.23
C SER B 677 -5.20 -5.05 5.99
N TYR B 678 -4.17 -5.75 5.51
CA TYR B 678 -2.89 -5.66 6.12
C TYR B 678 -2.40 -4.22 6.14
N TYR B 679 -2.55 -3.51 5.01
CA TYR B 679 -2.04 -2.15 4.92
C TYR B 679 -2.94 -1.19 5.63
N LYS B 680 -4.23 -1.52 5.74
CA LYS B 680 -5.12 -0.65 6.49
C LYS B 680 -5.05 -0.96 7.98
N LYS B 681 -4.24 -1.95 8.34
CA LYS B 681 -4.01 -2.34 9.72
C LYS B 681 -5.25 -2.82 10.44
N VAL B 682 -6.14 -3.47 9.72
CA VAL B 682 -7.24 -4.23 10.31
C VAL B 682 -6.73 -5.23 11.35
N ASP B 683 -7.34 -5.21 12.51
CA ASP B 683 -6.92 -6.08 13.60
C ASP B 683 -7.25 -7.55 13.43
N LEU B 684 -8.41 -7.88 12.88
CA LEU B 684 -8.74 -9.29 12.65
C LEU B 684 -9.49 -9.48 11.35
N ILE B 685 -9.16 -10.55 10.66
CA ILE B 685 -9.83 -10.92 9.46
C ILE B 685 -10.24 -12.39 9.59
N ARG B 686 -11.51 -12.64 9.25
CA ARG B 686 -12.14 -13.92 9.44
C ARG B 686 -12.15 -14.61 8.08
N VAL B 687 -11.42 -15.72 7.93
CA VAL B 687 -11.20 -16.28 6.61
C VAL B 687 -11.44 -17.80 6.56
N HIS B 688 -11.78 -18.32 5.38
CA HIS B 688 -11.86 -19.77 5.15
C HIS B 688 -10.50 -20.33 4.82
N ASP B 689 -9.76 -19.64 3.96
CA ASP B 689 -8.50 -20.11 3.45
C ASP B 689 -7.32 -19.62 4.30
N VAL B 690 -7.02 -20.33 5.39
CA VAL B 690 -6.04 -19.85 6.37
C VAL B 690 -4.60 -19.86 5.85
N LEU B 691 -4.18 -21.02 5.31
CA LEU B 691 -2.82 -21.19 4.82
C LEU B 691 -2.47 -20.11 3.82
N GLU B 692 -3.39 -19.87 2.89
CA GLU B 692 -3.18 -18.89 1.84
C GLU B 692 -3.04 -17.51 2.43
N THR B 693 -3.84 -17.20 3.47
CA THR B 693 -3.87 -15.86 4.06
C THR B 693 -2.57 -15.59 4.85
N LYS B 694 -2.17 -16.56 5.66
CA LYS B 694 -0.90 -16.53 6.38
C LYS B 694 0.30 -16.32 5.43
N SER B 695 0.30 -16.99 4.29
CA SER B 695 1.39 -16.88 3.33
C SER B 695 1.44 -15.43 2.86
N VAL B 696 0.26 -14.89 2.52
CA VAL B 696 0.19 -13.52 2.10
C VAL B 696 0.71 -12.56 3.19
N LEU B 697 0.25 -12.72 4.42
CA LEU B 697 0.59 -11.78 5.48
C LEU B 697 2.04 -11.86 5.84
N ASP B 698 2.60 -13.08 5.78
CA ASP B 698 4.00 -13.31 6.11
C ASP B 698 4.89 -12.54 5.16
N VAL B 699 4.60 -12.65 3.87
CA VAL B 699 5.37 -11.95 2.86
C VAL B 699 5.25 -10.44 2.95
N LEU B 700 4.04 -9.91 3.14
CA LEU B 700 3.86 -8.45 3.32
C LEU B 700 4.60 -7.94 4.55
N THR B 701 4.58 -8.72 5.63
CA THR B 701 5.22 -8.37 6.89
C THR B 701 6.77 -8.29 6.70
N LYS B 702 7.36 -9.24 5.95
CA LYS B 702 8.80 -9.28 5.69
C LYS B 702 9.21 -8.09 4.79
N ILE B 703 8.41 -7.77 3.78
CA ILE B 703 8.69 -6.57 3.02
C ILE B 703 8.73 -5.32 3.91
N ASP B 704 7.84 -5.23 4.91
CA ASP B 704 7.89 -4.06 5.81
C ASP B 704 8.96 -4.04 6.87
N GLN B 705 9.52 -5.20 7.19
CA GLN B 705 10.52 -5.34 8.25
C GLN B 705 11.86 -4.75 7.81
N VAL B 706 12.06 -3.48 8.09
CA VAL B 706 13.34 -2.83 7.79
C VAL B 706 14.36 -3.09 8.88
N LYS B 707 15.58 -3.42 8.46
CA LYS B 707 16.74 -3.56 9.36
C LYS B 707 17.09 -2.21 10.01
N ASP B 708 17.28 -1.19 9.17
CA ASP B 708 17.63 0.17 9.59
C ASP B 708 16.69 1.20 8.96
N PRO B 709 15.89 1.91 9.77
CA PRO B 709 14.91 2.90 9.31
C PRO B 709 15.52 4.12 8.60
N ASN B 710 16.85 4.26 8.68
CA ASN B 710 17.54 5.39 8.07
C ASN B 710 18.20 5.06 6.74
N SER B 711 18.62 3.80 6.61
CA SER B 711 19.51 3.36 5.53
C SER B 711 19.13 3.81 4.11
N SER B 712 17.84 3.94 3.85
CA SER B 712 17.39 4.30 2.51
C SER B 712 17.95 5.67 2.11
N SER B 713 17.81 6.64 3.01
CA SER B 713 18.39 7.97 2.83
C SER B 713 19.92 7.95 2.81
N VAL B 714 20.52 7.17 3.71
CA VAL B 714 21.98 7.06 3.82
C VAL B 714 22.64 6.42 2.60
N ASP B 715 22.13 5.25 2.17
CA ASP B 715 22.60 4.59 0.95
C ASP B 715 22.39 5.51 -0.28
N LYS B 716 21.35 6.32 -0.25
CA LYS B 716 21.11 7.26 -1.33
C LYS B 716 22.22 8.34 -1.40
N LEU B 717 22.57 8.92 -0.24
CA LEU B 717 23.70 9.87 -0.12
C LEU B 717 25.00 9.22 -0.52
N ALA B 718 25.27 8.01 -0.01
CA ALA B 718 26.52 7.35 -0.34
C ALA B 718 26.68 7.27 -1.84
N ALA B 719 25.61 6.86 -2.53
CA ALA B 719 25.61 6.73 -3.98
C ALA B 719 25.86 8.07 -4.68
N ALA B 720 25.16 9.11 -4.23
CA ALA B 720 25.37 10.44 -4.80
C ALA B 720 26.82 10.93 -4.66
N LEU B 721 27.50 10.52 -3.58
CA LEU B 721 28.88 10.96 -3.33
C LEU B 721 29.93 10.15 -4.07
N GLU B 722 29.49 9.22 -4.93
CA GLU B 722 30.42 8.26 -5.52
C GLU B 722 30.05 7.98 -6.97
#